data_8UBE
#
_entry.id   8UBE
#
_cell.length_a   1.00
_cell.length_b   1.00
_cell.length_c   1.00
_cell.angle_alpha   90.00
_cell.angle_beta   90.00
_cell.angle_gamma   90.00
#
_symmetry.space_group_name_H-M   'P 1'
#
loop_
_entity.id
_entity.type
_entity.pdbx_description
1 polymer 'Reverse transcriptase'
2 polymer Avd
3 polymer 'Diversity-generating retroelement (DGR) RNA avd'
4 polymer 'Diversity-generating retroelement (DGR) RNA TR'
5 polymer 'Diversity-generating retroelement (DGR) RNA Sp'
#
loop_
_entity_poly.entity_id
_entity_poly.type
_entity_poly.pdbx_seq_one_letter_code
_entity_poly.pdbx_strand_id
1 'polypeptide(L)'
;MGKRHRNLIDQITTWENLLDAYRKTSHGKRRTWGYLEFKEYDLANLLALQAELKAGNYERGPYREFLVYEPKPRLISALE
FKDRLVQHALCNIVAPIFEAGLLPYTYACRPDKGTHAGVCHVQAELRRTRATHFLKSDFSKFFPSIDRAALYAMIDKKIH
CAATRRLLRVVLPDEGVGIPIGSLTSQLFANVYGGAVDRLLHDELKQRHWARYMDDIVVLGDDPEELRAVFYRLRDFASE
RLGLKISHWQVAPVSRGINFLGYRIWPTHKLLRKSSVKRAKRKVANFIKHGEDESLQRFLASWSGHAQWADTHNLFTWME
EQYGIACH
;
A
2 'polypeptide(L)'
;MEPIEEATKCYDQMLIVERYERVISYLYPIAQSIPRKHGVAREMFLKCLLGQVELFIVAGKSNQVSKLYAADAGLAMLRF
WLRFLAGIQKPHAMTPHQVETAQVLIAEVGRILGSWIARVNRKGTKVQVGEALVGDGNEVAHIDLIIGPRGSPAETAFCN
GLVNNKHGFTSLLAVIAPNLPCKPNTLMFNKVTINDARQAVQMFGPAQHGVAMAVQDAVAEGIIPADEADDLYVLVGVFI
HWEAADDAKIQKYNYEATKLSIQRAVNGEPKASVVTEQRKSATHPFAANA
;
B,C,D,E,F
3 'polyribonucleotide' GGGGCAGGCUGGGAAAUAA G
4 'polyribonucleotide' CGCUGCUGCGCGGCGUCUGUGCCCAUCACCUUCUUG H
5 'polyribonucleotide'
;CAUGGCUCUGCCAACGCUACGGCUUGGCGGGCUGGCCUUUCCUCAAUAGGUGGUCAGCCGGUUCUGUCCUGCUUCGGCGA
ACACGUUACACGGUUCGGCAAAACGUCGAUUACUGAAAAUGGAAAGGCGGGGCCGACUUC
;
I
#
loop_
_chem_comp.id
_chem_comp.type
_chem_comp.name
_chem_comp.formula
A RNA linking ADENOSINE-5'-MONOPHOSPHATE 'C10 H14 N5 O7 P'
C RNA linking CYTIDINE-5'-MONOPHOSPHATE 'C9 H14 N3 O8 P'
G RNA linking GUANOSINE-5'-MONOPHOSPHATE 'C10 H14 N5 O8 P'
U RNA linking URIDINE-5'-MONOPHOSPHATE 'C9 H13 N2 O9 P'
#
# COMPACT_ATOMS: atom_id res chain seq x y z
N MET A 1 -35.52 -21.44 -8.97
CA MET A 1 -35.77 -21.11 -10.40
C MET A 1 -35.93 -22.39 -11.22
N GLY A 2 -37.18 -22.81 -11.39
CA GLY A 2 -37.48 -24.11 -11.96
C GLY A 2 -36.91 -25.24 -11.10
N LYS A 3 -36.66 -24.91 -9.82
CA LYS A 3 -35.95 -25.85 -8.91
C LYS A 3 -34.58 -26.17 -9.52
N ARG A 4 -34.03 -27.33 -9.21
CA ARG A 4 -32.74 -27.75 -9.81
C ARG A 4 -31.61 -26.88 -9.28
N HIS A 5 -31.26 -25.78 -9.91
CA HIS A 5 -30.06 -25.07 -9.39
C HIS A 5 -28.90 -26.04 -9.53
N ARG A 6 -28.84 -26.75 -10.65
CA ARG A 6 -27.83 -27.78 -10.88
C ARG A 6 -26.64 -27.26 -11.66
N ASN A 7 -26.00 -26.21 -11.16
CA ASN A 7 -24.72 -25.76 -11.71
C ASN A 7 -24.35 -24.48 -10.99
N LEU A 8 -24.19 -24.58 -9.68
CA LEU A 8 -23.93 -23.39 -8.91
C LEU A 8 -22.45 -23.19 -8.74
N ILE A 9 -21.64 -24.25 -8.80
CA ILE A 9 -20.20 -24.13 -8.63
C ILE A 9 -19.59 -23.38 -9.79
N ASP A 10 -20.32 -23.29 -10.91
CA ASP A 10 -19.91 -22.41 -12.01
C ASP A 10 -20.08 -20.95 -11.61
N GLN A 11 -21.17 -20.63 -10.92
CA GLN A 11 -21.42 -19.25 -10.51
C GLN A 11 -20.71 -18.89 -9.22
N ILE A 12 -20.36 -19.88 -8.41
CA ILE A 12 -19.73 -19.58 -7.14
C ILE A 12 -18.29 -19.17 -7.38
N THR A 13 -17.72 -19.76 -8.42
CA THR A 13 -16.33 -19.55 -8.77
C THR A 13 -16.21 -18.61 -9.96
N THR A 14 -17.28 -18.04 -10.48
CA THR A 14 -17.09 -16.94 -11.38
C THR A 14 -16.23 -15.93 -10.67
N TRP A 15 -15.22 -15.45 -11.38
CA TRP A 15 -14.51 -14.26 -10.94
C TRP A 15 -15.50 -13.21 -10.45
N GLU A 16 -16.47 -12.86 -11.29
CA GLU A 16 -17.46 -11.85 -10.97
C GLU A 16 -18.02 -12.12 -9.59
N ASN A 17 -18.02 -13.39 -9.15
CA ASN A 17 -18.52 -13.74 -7.78
C ASN A 17 -17.36 -13.85 -6.80
N LEU A 18 -16.29 -14.53 -7.16
CA LEU A 18 -15.21 -14.73 -6.18
C LEU A 18 -14.63 -13.36 -5.90
N LEU A 19 -15.04 -12.35 -6.64
CA LEU A 19 -14.64 -10.96 -6.34
C LEU A 19 -15.76 -10.42 -5.46
N ASP A 20 -17.02 -10.46 -5.89
CA ASP A 20 -18.04 -10.03 -4.96
C ASP A 20 -17.78 -10.64 -3.59
N ALA A 21 -17.57 -11.95 -3.56
CA ALA A 21 -17.18 -12.64 -2.34
C ALA A 21 -15.98 -11.99 -1.69
N TYR A 22 -14.97 -11.66 -2.48
CA TYR A 22 -13.79 -11.01 -1.95
C TYR A 22 -14.17 -9.67 -1.34
N ARG A 23 -14.91 -8.84 -2.05
CA ARG A 23 -15.23 -7.53 -1.54
C ARG A 23 -16.12 -7.66 -0.30
N LYS A 24 -16.98 -8.67 -0.27
CA LYS A 24 -17.85 -8.91 0.88
C LYS A 24 -17.04 -9.47 2.06
N THR A 25 -16.06 -10.32 1.78
CA THR A 25 -15.25 -10.89 2.83
C THR A 25 -14.33 -9.86 3.48
N SER A 26 -13.84 -8.94 2.66
CA SER A 26 -12.92 -7.92 3.12
C SER A 26 -13.68 -6.77 3.76
N HIS A 27 -14.96 -6.61 3.42
CA HIS A 27 -15.77 -5.57 4.05
C HIS A 27 -15.60 -5.61 5.56
N GLY A 28 -14.92 -4.60 6.12
CA GLY A 28 -14.76 -4.53 7.55
C GLY A 28 -13.59 -5.37 8.03
N LYS A 29 -13.33 -6.50 7.38
CA LYS A 29 -12.21 -7.33 7.79
C LYS A 29 -10.91 -6.85 7.13
N ARG A 30 -10.85 -5.53 6.84
CA ARG A 30 -9.74 -4.96 6.10
C ARG A 30 -8.65 -4.46 7.03
N ARG A 31 -8.63 -5.02 8.22
CA ARG A 31 -7.59 -4.65 9.18
C ARG A 31 -7.25 -5.95 9.86
N THR A 32 -7.31 -7.03 9.12
CA THR A 32 -7.12 -8.33 9.74
C THR A 32 -5.97 -9.02 9.04
N TRP A 33 -5.32 -9.91 9.73
CA TRP A 33 -4.18 -10.57 9.15
C TRP A 33 -4.62 -11.29 7.88
N GLY A 34 -5.86 -11.77 7.87
CA GLY A 34 -6.36 -12.60 6.80
C GLY A 34 -6.56 -11.78 5.56
N TYR A 35 -7.30 -10.68 5.64
CA TYR A 35 -7.46 -9.80 4.47
C TYR A 35 -6.08 -9.32 4.02
N LEU A 36 -5.28 -8.82 4.93
CA LEU A 36 -4.02 -8.19 4.59
C LEU A 36 -3.01 -9.18 4.03
N GLU A 37 -3.09 -10.44 4.40
CA GLU A 37 -2.18 -11.41 3.81
C GLU A 37 -2.73 -11.88 2.46
N PHE A 38 -4.04 -11.86 2.31
CA PHE A 38 -4.73 -12.20 1.07
C PHE A 38 -4.64 -11.05 0.07
N LYS A 39 -4.99 -9.85 0.48
CA LYS A 39 -5.04 -8.66 -0.37
C LYS A 39 -3.74 -8.50 -1.15
N GLU A 40 -2.60 -8.87 -0.52
CA GLU A 40 -1.28 -8.73 -1.13
C GLU A 40 -1.39 -9.05 -2.60
N TYR A 41 -1.51 -10.34 -2.85
CA TYR A 41 -1.68 -10.87 -4.18
C TYR A 41 -3.11 -11.37 -4.34
N ASP A 42 -4.06 -10.46 -4.42
CA ASP A 42 -5.42 -10.83 -4.04
C ASP A 42 -6.34 -11.22 -5.19
N LEU A 43 -5.97 -10.90 -6.43
CA LEU A 43 -6.73 -11.40 -7.55
C LEU A 43 -5.93 -12.53 -8.19
N ALA A 44 -4.79 -12.82 -7.60
CA ALA A 44 -4.01 -14.00 -7.80
C ALA A 44 -4.36 -15.01 -6.72
N ASN A 45 -4.62 -14.51 -5.52
CA ASN A 45 -5.20 -15.31 -4.48
C ASN A 45 -6.60 -15.74 -4.94
N LEU A 46 -7.43 -14.81 -5.36
CA LEU A 46 -8.75 -15.17 -5.86
C LEU A 46 -8.69 -15.98 -7.15
N LEU A 47 -7.56 -16.04 -7.82
CA LEU A 47 -7.47 -16.82 -9.04
C LEU A 47 -7.10 -18.24 -8.70
N ALA A 48 -6.48 -18.45 -7.54
CA ALA A 48 -6.08 -19.77 -7.07
C ALA A 48 -7.12 -20.28 -6.11
N LEU A 49 -8.06 -19.41 -5.70
CA LEU A 49 -9.25 -19.81 -4.95
C LEU A 49 -10.34 -20.16 -5.96
N GLN A 50 -10.69 -19.26 -6.86
CA GLN A 50 -11.56 -19.56 -7.96
C GLN A 50 -11.22 -20.93 -8.46
N ALA A 51 -9.97 -21.21 -8.73
CA ALA A 51 -9.57 -22.45 -9.38
C ALA A 51 -9.34 -23.57 -8.37
N GLU A 52 -9.35 -23.29 -7.07
CA GLU A 52 -9.52 -24.37 -6.10
C GLU A 52 -11.00 -24.80 -6.08
N LEU A 53 -11.91 -23.83 -6.00
CA LEU A 53 -13.34 -24.09 -5.96
C LEU A 53 -13.83 -24.72 -7.26
N LYS A 54 -13.35 -24.21 -8.40
CA LYS A 54 -13.75 -24.66 -9.72
C LYS A 54 -13.21 -26.05 -10.03
N ALA A 55 -12.29 -26.54 -9.18
CA ALA A 55 -11.73 -27.87 -9.35
C ALA A 55 -12.40 -28.86 -8.41
N GLY A 56 -12.79 -28.39 -7.22
CA GLY A 56 -13.28 -29.27 -6.19
C GLY A 56 -12.08 -29.74 -5.39
N ASN A 57 -11.21 -28.79 -5.09
CA ASN A 57 -10.08 -29.05 -4.22
C ASN A 57 -10.03 -28.02 -3.11
N TYR A 58 -11.13 -27.28 -2.94
CA TYR A 58 -11.23 -26.42 -1.78
C TYR A 58 -11.34 -27.25 -0.53
N GLU A 59 -10.49 -26.95 0.43
CA GLU A 59 -10.41 -27.69 1.67
C GLU A 59 -10.31 -26.63 2.75
N ARG A 60 -11.40 -26.44 3.48
CA ARG A 60 -11.43 -25.43 4.52
C ARG A 60 -10.28 -25.67 5.49
N GLY A 61 -9.52 -24.61 5.76
CA GLY A 61 -8.64 -24.58 6.91
C GLY A 61 -9.45 -24.59 8.20
N PRO A 62 -8.80 -24.88 9.33
CA PRO A 62 -9.52 -25.00 10.59
C PRO A 62 -10.13 -23.68 11.09
N TYR A 63 -11.16 -23.84 11.93
CA TYR A 63 -11.77 -22.73 12.65
C TYR A 63 -10.86 -22.29 13.80
N LEU A 79 -12.88 -17.92 11.05
CA LEU A 79 -12.29 -18.58 9.85
C LEU A 79 -11.19 -17.71 9.25
N GLU A 80 -10.37 -18.36 8.43
CA GLU A 80 -9.39 -17.71 7.56
C GLU A 80 -10.10 -16.79 6.58
N PHE A 81 -9.31 -15.94 5.94
CA PHE A 81 -9.92 -14.98 5.04
C PHE A 81 -10.47 -15.73 3.83
N LYS A 82 -9.60 -16.50 3.18
CA LYS A 82 -10.05 -17.29 2.05
C LYS A 82 -11.27 -18.12 2.43
N ASP A 83 -11.29 -18.66 3.62
CA ASP A 83 -12.43 -19.47 4.03
C ASP A 83 -13.68 -18.61 4.08
N ARG A 84 -13.59 -17.41 4.65
CA ARG A 84 -14.74 -16.53 4.67
C ARG A 84 -15.07 -16.05 3.26
N LEU A 85 -14.08 -16.04 2.37
CA LEU A 85 -14.28 -15.64 0.98
C LEU A 85 -14.96 -16.73 0.18
N VAL A 86 -14.51 -17.97 0.39
CA VAL A 86 -15.18 -19.13 -0.20
C VAL A 86 -16.63 -19.14 0.29
N GLN A 87 -16.83 -18.91 1.59
CA GLN A 87 -18.18 -18.87 2.15
C GLN A 87 -18.94 -17.78 1.45
N HIS A 88 -18.38 -16.60 1.27
CA HIS A 88 -19.08 -15.50 0.66
C HIS A 88 -19.39 -15.75 -0.80
N ALA A 89 -18.62 -16.63 -1.44
CA ALA A 89 -18.74 -16.92 -2.86
C ALA A 89 -19.75 -18.03 -3.09
N LEU A 90 -19.82 -18.97 -2.17
CA LEU A 90 -20.99 -19.83 -2.01
C LEU A 90 -22.24 -18.96 -1.82
N CYS A 91 -22.28 -18.26 -0.69
CA CYS A 91 -23.47 -17.60 -0.19
C CYS A 91 -23.80 -16.36 -1.00
N ASN A 92 -23.35 -16.32 -2.23
CA ASN A 92 -23.75 -15.30 -3.17
C ASN A 92 -24.64 -15.89 -4.24
N ILE A 93 -24.66 -17.22 -4.28
CA ILE A 93 -25.30 -17.92 -5.35
C ILE A 93 -26.18 -18.94 -4.67
N VAL A 94 -25.66 -19.48 -3.56
CA VAL A 94 -26.46 -20.37 -2.74
C VAL A 94 -27.51 -19.57 -2.00
N ALA A 95 -27.11 -18.47 -1.34
CA ALA A 95 -28.04 -17.67 -0.54
C ALA A 95 -29.28 -17.36 -1.33
N PRO A 96 -29.28 -16.65 -2.48
CA PRO A 96 -30.55 -16.31 -3.13
C PRO A 96 -31.38 -17.51 -3.58
N ILE A 97 -30.85 -18.75 -3.57
CA ILE A 97 -31.71 -19.87 -3.95
C ILE A 97 -32.26 -20.60 -2.75
N PHE A 98 -31.81 -20.22 -1.54
CA PHE A 98 -32.46 -20.63 -0.30
C PHE A 98 -33.34 -19.52 0.26
N GLU A 99 -32.79 -18.32 0.28
CA GLU A 99 -33.47 -17.15 0.79
C GLU A 99 -34.66 -16.75 -0.07
N ALA A 100 -34.96 -17.56 -1.08
CA ALA A 100 -36.20 -17.31 -1.85
C ALA A 100 -37.24 -18.30 -1.37
N GLY A 101 -36.77 -19.44 -0.86
CA GLY A 101 -37.72 -20.42 -0.31
C GLY A 101 -37.97 -20.13 1.15
N LEU A 102 -37.51 -18.97 1.61
CA LEU A 102 -37.70 -18.58 3.03
C LEU A 102 -38.95 -17.73 3.09
N LEU A 103 -40.08 -18.31 3.47
CA LEU A 103 -41.34 -17.62 3.64
C LEU A 103 -41.13 -16.17 4.05
N PRO A 104 -42.05 -15.27 3.67
CA PRO A 104 -41.88 -13.84 3.89
C PRO A 104 -41.50 -13.50 5.32
N TYR A 105 -42.08 -14.26 6.24
CA TYR A 105 -42.17 -13.89 7.64
C TYR A 105 -40.99 -14.40 8.44
N THR A 106 -39.95 -14.89 7.74
CA THR A 106 -38.69 -15.21 8.41
C THR A 106 -37.89 -13.93 8.29
N TYR A 107 -37.47 -13.34 9.40
CA TYR A 107 -36.91 -12.00 9.29
C TYR A 107 -35.42 -11.97 9.52
N ALA A 108 -34.80 -13.14 9.66
CA ALA A 108 -33.38 -13.18 9.99
C ALA A 108 -32.55 -13.11 8.73
N CYS A 109 -31.26 -12.78 8.94
CA CYS A 109 -30.23 -12.74 7.92
C CYS A 109 -30.75 -13.01 6.52
N ARG A 110 -31.58 -12.10 5.98
CA ARG A 110 -31.85 -12.08 4.55
C ARG A 110 -31.67 -10.66 4.04
N PRO A 111 -31.67 -10.41 2.72
CA PRO A 111 -31.69 -9.04 2.20
C PRO A 111 -33.10 -8.49 2.02
N ASP A 112 -33.19 -7.16 2.09
CA ASP A 112 -34.46 -6.44 1.98
C ASP A 112 -35.52 -7.00 2.94
N LYS A 113 -35.08 -7.79 3.91
CA LYS A 113 -35.93 -8.37 4.95
C LYS A 113 -35.05 -8.54 6.18
N GLY A 114 -34.59 -7.44 6.75
CA GLY A 114 -33.76 -7.47 7.94
C GLY A 114 -34.58 -7.45 9.21
N THR A 115 -33.87 -7.59 10.34
CA THR A 115 -34.38 -7.38 11.68
C THR A 115 -35.58 -6.44 11.74
N HIS A 116 -35.34 -5.20 11.34
CA HIS A 116 -36.33 -4.16 11.43
C HIS A 116 -37.62 -4.60 10.77
N ALA A 117 -37.51 -5.12 9.55
CA ALA A 117 -38.71 -5.48 8.80
C ALA A 117 -39.54 -6.50 9.57
N GLY A 118 -38.91 -7.21 10.52
CA GLY A 118 -39.62 -8.21 11.29
C GLY A 118 -40.31 -7.59 12.50
N VAL A 119 -39.59 -6.74 13.22
CA VAL A 119 -40.23 -6.01 14.30
C VAL A 119 -41.39 -5.21 13.74
N CYS A 120 -41.37 -4.99 12.42
CA CYS A 120 -42.48 -4.35 11.74
C CYS A 120 -43.50 -5.37 11.25
N HIS A 121 -43.07 -6.45 10.61
CA HIS A 121 -44.03 -7.47 10.27
C HIS A 121 -44.82 -7.94 11.48
N VAL A 122 -44.12 -8.17 12.59
CA VAL A 122 -44.80 -8.70 13.76
C VAL A 122 -45.82 -7.72 14.26
N GLN A 123 -45.38 -6.49 14.54
CA GLN A 123 -46.28 -5.41 14.92
C GLN A 123 -47.46 -5.38 13.96
N ALA A 124 -47.14 -5.25 12.68
CA ALA A 124 -48.16 -5.16 11.64
C ALA A 124 -49.11 -6.36 11.74
N GLU A 125 -48.55 -7.57 11.73
CA GLU A 125 -49.41 -8.75 11.71
C GLU A 125 -50.21 -8.88 13.02
N LEU A 126 -49.91 -7.99 13.97
CA LEU A 126 -50.66 -7.77 15.20
C LEU A 126 -51.59 -6.58 15.09
N ARG A 127 -51.80 -6.09 13.87
CA ARG A 127 -52.55 -4.87 13.64
C ARG A 127 -53.44 -5.15 12.44
N ARG A 128 -52.78 -5.38 11.30
CA ARG A 128 -53.40 -6.19 10.27
C ARG A 128 -53.70 -7.54 10.90
N THR A 129 -54.99 -7.86 11.04
CA THR A 129 -55.38 -8.93 11.96
C THR A 129 -54.80 -8.63 13.35
N ARG A 130 -55.44 -7.68 14.03
CA ARG A 130 -55.02 -7.16 15.32
C ARG A 130 -54.57 -8.25 16.29
N ALA A 131 -55.09 -9.47 16.11
CA ALA A 131 -54.74 -10.61 16.95
C ALA A 131 -55.14 -10.36 18.40
N THR A 132 -54.83 -11.31 19.27
CA THR A 132 -55.23 -11.21 20.66
C THR A 132 -54.15 -11.80 21.54
N HIS A 133 -53.57 -12.89 21.04
CA HIS A 133 -52.54 -13.60 21.76
C HIS A 133 -51.43 -13.92 20.76
N PHE A 134 -50.34 -14.51 21.29
CA PHE A 134 -49.18 -14.79 20.48
C PHE A 134 -48.26 -15.78 21.19
N LEU A 135 -47.60 -16.61 20.39
CA LEU A 135 -46.50 -17.44 20.87
C LEU A 135 -45.19 -16.74 20.51
N LYS A 136 -44.17 -16.94 21.34
CA LYS A 136 -42.84 -16.53 20.97
C LYS A 136 -41.89 -17.59 21.49
N SER A 137 -41.39 -18.40 20.58
CA SER A 137 -40.43 -19.40 20.97
C SER A 137 -39.02 -18.81 20.86
N ASP A 138 -38.07 -19.73 20.72
CA ASP A 138 -36.65 -19.32 20.68
C ASP A 138 -35.85 -20.61 20.72
N PHE A 139 -35.59 -21.24 19.58
CA PHE A 139 -34.91 -22.57 19.58
C PHE A 139 -33.66 -22.63 20.45
N SER A 140 -33.09 -23.82 20.59
CA SER A 140 -31.92 -24.03 21.48
C SER A 140 -30.69 -23.41 20.89
N LYS A 141 -29.52 -23.93 21.25
CA LYS A 141 -28.28 -23.45 20.59
C LYS A 141 -28.46 -23.71 19.10
N PHE A 142 -29.34 -22.94 18.46
CA PHE A 142 -29.67 -23.21 17.06
C PHE A 142 -28.42 -23.75 16.37
N PHE A 143 -27.35 -22.97 16.35
CA PHE A 143 -26.18 -23.39 15.53
C PHE A 143 -25.50 -24.61 16.16
N PRO A 144 -25.17 -24.65 17.45
CA PRO A 144 -24.59 -25.86 18.01
C PRO A 144 -25.59 -27.02 18.07
N SER A 145 -26.81 -26.85 17.56
CA SER A 145 -27.87 -27.88 17.67
C SER A 145 -28.33 -28.28 16.26
N ILE A 146 -27.81 -27.61 15.23
CA ILE A 146 -28.26 -27.89 13.88
C ILE A 146 -27.65 -29.22 13.44
N ASP A 147 -28.53 -30.15 13.04
CA ASP A 147 -28.13 -31.52 12.74
C ASP A 147 -26.88 -31.53 11.90
N ARG A 148 -26.72 -30.42 11.16
CA ARG A 148 -25.70 -30.37 10.15
C ARG A 148 -25.80 -31.68 9.39
N ALA A 149 -27.02 -31.99 8.93
CA ALA A 149 -27.35 -33.35 8.50
C ALA A 149 -28.79 -33.48 8.00
N ALA A 150 -29.73 -32.93 8.78
CA ALA A 150 -31.05 -32.58 8.27
C ALA A 150 -31.06 -31.12 7.80
N LEU A 151 -29.99 -30.38 8.12
CA LEU A 151 -29.69 -29.16 7.40
C LEU A 151 -29.36 -29.50 5.96
N TYR A 152 -28.38 -30.39 5.76
CA TYR A 152 -28.06 -30.91 4.43
C TYR A 152 -29.07 -31.93 3.91
N ALA A 153 -30.34 -31.68 4.18
CA ALA A 153 -31.39 -32.32 3.43
C ALA A 153 -32.29 -31.23 2.92
N MET A 154 -31.94 -29.99 3.31
CA MET A 154 -32.55 -28.75 2.85
C MET A 154 -31.55 -27.97 1.99
N ILE A 155 -30.24 -28.04 2.32
CA ILE A 155 -29.17 -27.46 1.52
C ILE A 155 -28.96 -28.35 0.32
N ASP A 156 -29.88 -29.30 0.11
CA ASP A 156 -29.64 -30.36 -0.85
C ASP A 156 -30.90 -30.70 -1.65
N LYS A 157 -32.06 -30.19 -1.23
CA LYS A 157 -33.27 -30.16 -2.01
C LYS A 157 -33.32 -28.86 -2.80
N LYS A 158 -32.23 -28.11 -2.75
CA LYS A 158 -32.19 -26.82 -3.41
C LYS A 158 -30.89 -26.62 -4.15
N ILE A 159 -29.83 -27.31 -3.73
CA ILE A 159 -28.55 -27.08 -4.43
C ILE A 159 -28.60 -27.95 -5.69
N HIS A 160 -28.61 -29.28 -5.62
CA HIS A 160 -28.74 -30.02 -6.88
C HIS A 160 -27.50 -29.98 -7.79
N CYS A 161 -26.55 -29.10 -7.48
CA CYS A 161 -25.28 -28.97 -8.19
C CYS A 161 -24.21 -29.71 -7.38
N ALA A 162 -23.80 -30.88 -7.87
CA ALA A 162 -22.98 -31.75 -7.06
C ALA A 162 -21.54 -31.30 -7.10
N ALA A 163 -21.30 -30.11 -6.51
CA ALA A 163 -20.01 -29.42 -6.43
C ALA A 163 -20.12 -28.13 -5.66
N THR A 164 -21.20 -27.43 -5.91
CA THR A 164 -21.70 -26.54 -4.90
C THR A 164 -21.99 -27.34 -3.64
N ARG A 165 -22.69 -28.45 -3.79
CA ARG A 165 -22.98 -29.34 -2.68
C ARG A 165 -21.72 -29.79 -1.98
N ARG A 166 -20.62 -30.01 -2.73
CA ARG A 166 -19.40 -30.49 -2.12
C ARG A 166 -18.57 -29.35 -1.54
N LEU A 167 -18.79 -28.14 -2.05
CA LEU A 167 -18.24 -26.90 -1.48
C LEU A 167 -19.02 -26.50 -0.25
N LEU A 168 -20.35 -26.64 -0.26
CA LEU A 168 -21.13 -26.41 0.95
C LEU A 168 -20.67 -27.35 2.05
N ARG A 169 -20.38 -28.61 1.69
CA ARG A 169 -20.00 -29.63 2.64
C ARG A 169 -18.55 -29.54 3.10
N VAL A 170 -17.71 -28.76 2.43
CA VAL A 170 -16.42 -28.41 3.00
C VAL A 170 -16.59 -27.26 3.98
N VAL A 171 -17.35 -26.28 3.51
CA VAL A 171 -17.62 -25.05 4.20
C VAL A 171 -18.43 -25.30 5.45
N LEU A 172 -19.13 -26.43 5.45
CA LEU A 172 -19.90 -26.87 6.60
C LEU A 172 -20.02 -28.37 6.49
N PRO A 173 -19.29 -29.16 7.29
CA PRO A 173 -19.32 -30.61 7.09
C PRO A 173 -20.67 -31.20 7.44
N ASP A 174 -21.05 -32.23 6.64
CA ASP A 174 -22.36 -32.87 6.71
C ASP A 174 -22.40 -33.95 7.79
N GLU A 175 -21.90 -33.60 8.97
CA GLU A 175 -21.87 -34.49 10.12
C GLU A 175 -22.01 -33.61 11.34
N GLY A 176 -21.61 -34.14 12.49
CA GLY A 176 -21.59 -33.32 13.68
C GLY A 176 -23.02 -32.94 14.04
N VAL A 177 -23.13 -31.95 14.91
CA VAL A 177 -24.43 -31.43 15.26
C VAL A 177 -24.30 -29.92 15.44
N GLY A 178 -23.32 -29.32 14.77
CA GLY A 178 -23.01 -27.96 15.17
C GLY A 178 -22.57 -27.10 13.99
N ILE A 179 -23.54 -26.50 13.30
CA ILE A 179 -23.23 -25.41 12.39
C ILE A 179 -22.33 -24.41 13.12
N PRO A 180 -21.10 -24.10 12.62
CA PRO A 180 -20.24 -23.19 13.36
C PRO A 180 -20.76 -21.77 13.42
N ILE A 181 -21.10 -21.34 14.63
CA ILE A 181 -21.66 -20.02 14.87
C ILE A 181 -20.77 -18.97 14.22
N GLY A 182 -21.40 -18.10 13.45
CA GLY A 182 -20.68 -17.05 12.77
C GLY A 182 -19.81 -17.55 11.61
N SER A 183 -20.55 -17.83 10.57
CA SER A 183 -20.05 -18.17 9.27
C SER A 183 -21.15 -17.63 8.41
N LEU A 184 -20.83 -17.07 7.29
CA LEU A 184 -21.92 -16.56 6.49
C LEU A 184 -22.75 -17.74 6.07
N THR A 185 -22.08 -18.87 5.88
CA THR A 185 -22.74 -20.11 5.49
C THR A 185 -23.80 -20.45 6.54
N SER A 186 -23.38 -20.72 7.77
CA SER A 186 -24.34 -20.93 8.87
C SER A 186 -25.53 -20.00 8.70
N GLN A 187 -25.37 -18.73 9.00
CA GLN A 187 -26.46 -17.75 8.81
C GLN A 187 -27.44 -18.29 7.78
N LEU A 188 -27.07 -18.30 6.50
CA LEU A 188 -28.04 -18.68 5.46
C LEU A 188 -28.55 -20.06 5.78
N PHE A 189 -27.66 -20.94 6.23
CA PHE A 189 -28.04 -22.35 6.48
C PHE A 189 -28.99 -22.41 7.66
N ALA A 190 -28.73 -21.66 8.71
CA ALA A 190 -29.62 -21.82 9.84
C ALA A 190 -30.91 -21.10 9.54
N ASN A 191 -30.84 -20.01 8.81
CA ASN A 191 -32.08 -19.44 8.37
C ASN A 191 -32.82 -20.40 7.43
N VAL A 192 -32.18 -21.54 7.19
CA VAL A 192 -32.77 -22.62 6.35
C VAL A 192 -33.14 -23.76 7.30
N TYR A 193 -32.20 -24.36 8.02
CA TYR A 193 -32.53 -25.42 9.00
C TYR A 193 -33.39 -24.81 10.07
N GLY A 194 -33.85 -23.59 9.83
CA GLY A 194 -34.83 -22.98 10.74
C GLY A 194 -36.06 -22.83 9.90
N GLY A 195 -35.85 -22.49 8.63
CA GLY A 195 -36.99 -22.27 7.74
C GLY A 195 -37.83 -23.52 7.70
N ALA A 196 -37.24 -24.63 8.07
CA ALA A 196 -38.11 -25.81 8.14
C ALA A 196 -39.28 -25.42 9.02
N VAL A 197 -38.98 -24.96 10.22
CA VAL A 197 -40.03 -24.61 11.22
C VAL A 197 -40.86 -23.47 10.65
N ASP A 198 -40.25 -22.60 9.85
CA ASP A 198 -41.12 -21.62 9.21
C ASP A 198 -42.07 -22.30 8.23
N ARG A 199 -41.64 -23.39 7.63
CA ARG A 199 -42.49 -24.11 6.68
C ARG A 199 -43.19 -25.28 7.37
N LEU A 200 -43.16 -25.28 8.71
CA LEU A 200 -44.09 -26.05 9.53
C LEU A 200 -45.02 -25.13 10.30
N LEU A 201 -44.87 -23.82 10.11
CA LEU A 201 -45.74 -22.83 10.73
C LEU A 201 -46.67 -22.30 9.66
N HIS A 202 -46.08 -21.89 8.56
CA HIS A 202 -46.81 -21.22 7.52
C HIS A 202 -47.41 -22.21 6.55
N ASP A 203 -46.70 -23.31 6.29
CA ASP A 203 -47.18 -24.31 5.34
C ASP A 203 -48.10 -25.26 6.08
N GLU A 204 -47.51 -26.25 6.76
CA GLU A 204 -48.23 -26.94 7.82
C GLU A 204 -48.59 -25.94 8.92
N LEU A 205 -49.67 -26.25 9.66
CA LEU A 205 -50.13 -25.41 10.77
C LEU A 205 -50.83 -24.13 10.31
N LYS A 206 -50.73 -23.77 9.03
CA LYS A 206 -51.46 -22.67 8.42
C LYS A 206 -51.44 -21.44 9.32
N GLN A 207 -50.35 -21.29 10.06
CA GLN A 207 -50.09 -20.07 10.79
C GLN A 207 -49.72 -19.01 9.77
N ARG A 208 -50.61 -18.05 9.56
CA ARG A 208 -50.32 -17.03 8.59
C ARG A 208 -49.67 -15.78 9.18
N HIS A 209 -49.61 -15.72 10.51
CA HIS A 209 -49.04 -14.58 11.20
C HIS A 209 -47.90 -15.11 12.05
N TRP A 210 -46.68 -14.86 11.61
CA TRP A 210 -45.56 -15.24 12.43
C TRP A 210 -44.34 -14.45 12.01
N ALA A 211 -43.22 -14.79 12.61
CA ALA A 211 -42.01 -14.09 12.28
C ALA A 211 -40.82 -14.83 12.88
N ARG A 212 -39.97 -15.39 12.02
CA ARG A 212 -38.83 -16.05 12.61
C ARG A 212 -37.58 -15.27 12.28
N TYR A 213 -36.81 -14.97 13.32
CA TYR A 213 -35.50 -14.34 13.02
C TYR A 213 -34.40 -15.33 13.35
N MET A 214 -34.44 -16.57 12.86
CA MET A 214 -33.41 -17.61 13.13
C MET A 214 -34.00 -18.62 14.11
N ASP A 215 -33.98 -18.34 15.41
CA ASP A 215 -34.59 -19.26 16.39
C ASP A 215 -36.01 -18.81 16.75
N ASP A 216 -36.20 -17.56 17.15
CA ASP A 216 -37.51 -17.08 17.66
C ASP A 216 -38.54 -17.04 16.55
N ILE A 217 -39.66 -17.68 16.80
CA ILE A 217 -40.73 -17.66 15.79
C ILE A 217 -41.96 -17.04 16.41
N VAL A 218 -41.99 -15.72 16.58
CA VAL A 218 -43.24 -15.19 17.10
C VAL A 218 -44.39 -15.80 16.32
N VAL A 219 -45.50 -16.12 16.99
CA VAL A 219 -46.62 -16.67 16.24
C VAL A 219 -47.98 -16.11 16.71
N LEU A 220 -48.30 -14.85 16.35
CA LEU A 220 -49.55 -14.26 16.83
C LEU A 220 -50.76 -15.14 16.53
N GLY A 221 -51.67 -15.17 17.50
CA GLY A 221 -52.92 -15.87 17.29
C GLY A 221 -54.11 -15.04 17.75
N ASP A 222 -54.98 -15.70 18.53
CA ASP A 222 -56.32 -15.20 18.78
C ASP A 222 -57.02 -16.18 19.72
N ASP A 223 -56.69 -17.46 19.55
CA ASP A 223 -56.98 -18.43 20.57
C ASP A 223 -55.64 -18.68 21.23
N PRO A 224 -55.30 -18.03 22.36
CA PRO A 224 -54.01 -18.27 23.00
C PRO A 224 -53.86 -19.76 23.25
N GLU A 225 -54.97 -20.47 23.19
CA GLU A 225 -54.90 -21.93 23.25
C GLU A 225 -54.45 -22.52 21.92
N GLU A 226 -54.85 -21.92 20.79
CA GLU A 226 -54.37 -22.34 19.47
C GLU A 226 -52.87 -22.09 19.34
N LEU A 227 -52.40 -20.90 19.71
CA LEU A 227 -50.92 -20.67 19.67
C LEU A 227 -50.25 -21.70 20.55
N ARG A 228 -50.82 -22.02 21.71
CA ARG A 228 -50.07 -22.97 22.49
C ARG A 228 -49.99 -24.30 21.75
N ALA A 229 -51.07 -24.68 21.07
CA ALA A 229 -51.04 -25.83 20.18
C ALA A 229 -49.93 -25.66 19.15
N VAL A 230 -50.04 -24.60 18.33
CA VAL A 230 -49.04 -24.29 17.32
C VAL A 230 -47.65 -24.49 17.89
N PHE A 231 -47.41 -23.94 19.09
CA PHE A 231 -46.10 -24.07 19.66
C PHE A 231 -45.75 -25.54 19.92
N TYR A 232 -46.63 -26.27 20.58
CA TYR A 232 -46.36 -27.68 20.81
C TYR A 232 -46.05 -28.38 19.48
N ARG A 233 -46.85 -28.08 18.45
CA ARG A 233 -46.64 -28.69 17.15
C ARG A 233 -45.28 -28.29 16.57
N LEU A 234 -44.89 -27.02 16.79
CA LEU A 234 -43.64 -26.47 16.30
C LEU A 234 -42.44 -27.09 16.99
N ARG A 235 -42.56 -27.28 18.30
CA ARG A 235 -41.49 -27.85 19.10
C ARG A 235 -41.29 -29.31 18.76
N ASP A 236 -42.39 -30.06 18.77
CA ASP A 236 -42.36 -31.47 18.38
C ASP A 236 -41.73 -31.63 17.00
N PHE A 237 -42.12 -30.80 16.04
CA PHE A 237 -41.50 -30.84 14.73
C PHE A 237 -40.01 -30.54 14.82
N ALA A 238 -39.67 -29.34 15.27
CA ALA A 238 -38.29 -28.88 15.23
C ALA A 238 -37.39 -29.71 16.12
N SER A 239 -37.94 -30.53 17.02
CA SER A 239 -37.09 -31.38 17.85
C SER A 239 -36.78 -32.72 17.19
N GLU A 240 -37.74 -33.25 16.41
CA GLU A 240 -37.58 -34.58 15.86
C GLU A 240 -37.07 -34.53 14.43
N ARG A 241 -37.55 -33.56 13.65
CA ARG A 241 -37.03 -33.36 12.32
C ARG A 241 -35.72 -32.57 12.34
N LEU A 242 -35.65 -31.55 13.20
CA LEU A 242 -34.56 -30.59 13.11
C LEU A 242 -33.60 -30.64 14.30
N GLY A 243 -33.92 -31.34 15.39
CA GLY A 243 -32.94 -31.48 16.46
C GLY A 243 -32.65 -30.20 17.23
N LEU A 244 -33.57 -29.23 17.21
CA LEU A 244 -33.44 -28.00 18.00
C LEU A 244 -34.51 -28.02 19.09
N LYS A 245 -34.06 -27.94 20.34
CA LYS A 245 -34.96 -28.13 21.47
C LYS A 245 -35.44 -26.76 21.94
N ILE A 246 -36.62 -26.31 21.49
CA ILE A 246 -37.15 -25.03 21.92
C ILE A 246 -37.23 -24.92 23.44
N SER A 247 -36.86 -23.77 24.01
CA SER A 247 -37.12 -23.60 25.44
C SER A 247 -37.60 -22.22 25.86
N HIS A 248 -37.15 -21.12 25.24
CA HIS A 248 -37.56 -19.84 25.78
C HIS A 248 -38.93 -19.48 25.25
N TRP A 249 -39.86 -20.42 25.40
CA TRP A 249 -41.16 -20.27 24.78
C TRP A 249 -42.17 -19.66 25.73
N GLN A 250 -43.09 -18.94 25.14
CA GLN A 250 -44.22 -18.54 25.92
C GLN A 250 -45.41 -18.49 25.01
N VAL A 251 -46.55 -18.64 25.65
CA VAL A 251 -47.79 -18.28 25.03
C VAL A 251 -48.39 -17.20 25.90
N ALA A 252 -47.97 -15.97 25.59
CA ALA A 252 -48.44 -14.74 26.22
C ALA A 252 -49.57 -14.13 25.40
N PRO A 253 -50.52 -13.45 26.05
CA PRO A 253 -51.40 -12.57 25.29
C PRO A 253 -50.64 -11.38 24.72
N VAL A 254 -51.10 -10.86 23.57
CA VAL A 254 -50.44 -9.70 22.96
C VAL A 254 -50.68 -8.48 23.83
N SER A 255 -49.70 -8.17 24.69
CA SER A 255 -49.92 -7.29 25.83
C SER A 255 -48.68 -7.31 26.70
N ARG A 256 -48.11 -8.50 26.82
CA ARG A 256 -46.79 -8.64 27.39
C ARG A 256 -45.76 -8.01 26.46
N GLY A 257 -46.08 -7.95 25.17
CA GLY A 257 -45.13 -7.49 24.18
C GLY A 257 -44.31 -8.67 23.68
N ILE A 258 -44.12 -8.70 22.36
CA ILE A 258 -43.36 -9.75 21.73
C ILE A 258 -41.91 -9.31 21.67
N ASN A 259 -41.06 -9.91 22.52
CA ASN A 259 -39.65 -9.54 22.61
C ASN A 259 -38.89 -10.04 21.39
N PHE A 260 -39.41 -9.70 20.22
CA PHE A 260 -38.84 -10.24 18.97
C PHE A 260 -37.80 -9.28 18.39
N LEU A 261 -36.57 -9.75 18.19
CA LEU A 261 -35.56 -8.91 17.51
C LEU A 261 -35.25 -7.65 18.32
N GLY A 262 -35.02 -7.80 19.62
CA GLY A 262 -34.61 -6.65 20.43
C GLY A 262 -35.73 -5.64 20.62
N TYR A 263 -36.79 -5.68 19.80
CA TYR A 263 -37.88 -4.73 20.09
C TYR A 263 -39.08 -5.51 20.59
N ARG A 264 -39.54 -5.24 21.81
CA ARG A 264 -40.81 -5.87 22.26
C ARG A 264 -41.88 -5.17 21.45
N ILE A 265 -42.50 -5.87 20.50
CA ILE A 265 -43.43 -5.16 19.57
C ILE A 265 -44.90 -5.44 19.81
N TRP A 266 -45.52 -4.72 20.75
CA TRP A 266 -46.99 -4.88 20.89
C TRP A 266 -47.63 -3.90 19.92
N PRO A 267 -48.87 -4.11 19.45
CA PRO A 267 -49.48 -3.23 18.47
C PRO A 267 -48.98 -1.80 18.74
N THR A 268 -48.95 -1.41 20.01
CA THR A 268 -48.53 -0.03 20.38
C THR A 268 -47.01 0.07 20.43
N HIS A 269 -46.42 0.80 19.48
CA HIS A 269 -44.96 1.04 19.48
C HIS A 269 -44.18 -0.25 19.73
N LYS A 270 -42.91 -0.13 20.11
CA LYS A 270 -42.05 -1.31 20.35
C LYS A 270 -40.75 -0.79 20.94
N LEU A 271 -40.49 -1.05 22.22
CA LEU A 271 -39.28 -0.46 22.83
C LEU A 271 -38.13 -1.46 22.82
N LEU A 272 -36.90 -0.95 22.65
CA LEU A 272 -35.73 -1.80 22.62
C LEU A 272 -35.64 -2.68 23.87
N ARG A 273 -34.94 -3.80 23.73
CA ARG A 273 -34.69 -4.68 24.87
C ARG A 273 -33.25 -4.55 25.33
N LYS A 274 -32.29 -5.01 24.50
CA LYS A 274 -30.86 -4.86 24.75
C LYS A 274 -30.48 -5.02 26.22
N SER A 275 -29.60 -4.10 26.66
CA SER A 275 -29.02 -4.23 28.01
C SER A 275 -28.07 -5.42 27.98
N SER A 276 -28.55 -6.59 27.56
CA SER A 276 -27.75 -7.82 27.43
C SER A 276 -26.74 -7.72 26.30
N VAL A 277 -27.26 -7.49 25.10
CA VAL A 277 -26.41 -7.18 23.96
C VAL A 277 -25.39 -6.13 24.37
N LYS A 278 -25.90 -4.96 24.77
CA LYS A 278 -25.07 -3.81 25.10
C LYS A 278 -24.05 -4.15 26.18
N ARG A 279 -24.51 -4.83 27.22
CA ARG A 279 -23.60 -5.32 28.22
C ARG A 279 -22.51 -6.20 27.62
N ALA A 280 -22.91 -7.11 26.74
CA ALA A 280 -21.99 -8.03 26.10
C ALA A 280 -21.08 -7.28 25.13
N LYS A 281 -21.68 -6.53 24.19
CA LYS A 281 -20.93 -5.65 23.31
C LYS A 281 -19.86 -4.90 24.10
N ARG A 282 -20.27 -4.21 25.16
CA ARG A 282 -19.32 -3.47 25.97
C ARG A 282 -18.31 -4.39 26.62
N LYS A 283 -18.79 -5.49 27.19
CA LYS A 283 -17.88 -6.43 27.83
C LYS A 283 -16.79 -6.87 26.85
N VAL A 284 -17.20 -7.26 25.64
CA VAL A 284 -16.26 -7.66 24.61
C VAL A 284 -15.29 -6.52 24.29
N ALA A 285 -15.84 -5.37 23.90
CA ALA A 285 -15.04 -4.20 23.56
C ALA A 285 -14.02 -3.91 24.66
N ASN A 286 -14.47 -3.87 25.92
CA ASN A 286 -13.58 -3.69 27.05
C ASN A 286 -12.46 -4.75 27.03
N PHE A 287 -12.86 -6.02 27.03
CA PHE A 287 -11.92 -7.13 27.01
C PHE A 287 -10.85 -6.96 25.92
N ILE A 288 -11.26 -6.49 24.74
CA ILE A 288 -10.33 -6.25 23.64
C ILE A 288 -9.30 -5.20 24.05
N LYS A 289 -9.78 -4.02 24.45
CA LYS A 289 -8.94 -2.90 24.88
C LYS A 289 -8.63 -2.98 26.37
N HIS A 290 -8.45 -4.20 26.88
CA HIS A 290 -7.88 -4.46 28.20
C HIS A 290 -6.76 -5.50 28.08
N GLY A 291 -6.52 -6.01 26.86
CA GLY A 291 -5.60 -7.11 26.64
C GLY A 291 -6.06 -8.43 27.28
N GLU A 292 -7.35 -8.53 27.58
CA GLU A 292 -7.92 -9.70 28.27
C GLU A 292 -8.74 -10.52 27.28
N ASP A 293 -8.12 -10.86 26.14
CA ASP A 293 -8.79 -11.53 25.03
C ASP A 293 -8.71 -13.05 25.17
N GLU A 294 -8.65 -13.56 26.42
CA GLU A 294 -8.50 -14.97 26.73
C GLU A 294 -9.53 -15.40 27.78
N SER A 295 -9.84 -14.45 28.68
CA SER A 295 -11.03 -14.51 29.52
C SER A 295 -12.28 -14.11 28.72
N LEU A 296 -12.06 -13.37 27.63
CA LEU A 296 -13.14 -13.06 26.69
C LEU A 296 -13.66 -14.32 26.02
N GLN A 297 -12.79 -15.30 25.76
CA GLN A 297 -13.25 -16.57 25.21
C GLN A 297 -14.15 -17.31 26.20
N ARG A 298 -13.80 -17.24 27.49
CA ARG A 298 -14.66 -17.77 28.55
C ARG A 298 -16.00 -17.03 28.56
N PHE A 299 -15.95 -15.70 28.68
CA PHE A 299 -17.17 -14.90 28.62
C PHE A 299 -17.95 -15.19 27.34
N LEU A 300 -17.25 -15.21 26.19
CA LEU A 300 -17.92 -15.42 24.92
C LEU A 300 -18.67 -16.75 24.93
N ALA A 301 -17.96 -17.82 25.36
CA ALA A 301 -18.56 -19.13 25.50
C ALA A 301 -19.81 -19.08 26.38
N SER A 302 -19.72 -18.35 27.50
CA SER A 302 -20.86 -18.14 28.38
C SER A 302 -22.02 -17.50 27.64
N TRP A 303 -21.78 -16.29 27.11
CA TRP A 303 -22.83 -15.53 26.44
C TRP A 303 -23.33 -16.23 25.18
N SER A 304 -22.50 -17.12 24.61
CA SER A 304 -22.91 -17.91 23.46
C SER A 304 -23.91 -19.01 23.87
N GLY A 305 -23.95 -19.32 25.18
CA GLY A 305 -24.96 -20.18 25.75
C GLY A 305 -26.25 -19.44 26.08
N HIS A 306 -26.14 -18.26 26.70
CA HIS A 306 -27.31 -17.45 26.98
C HIS A 306 -28.01 -17.00 25.69
N ALA A 307 -27.29 -17.04 24.55
CA ALA A 307 -27.81 -16.49 23.30
C ALA A 307 -28.01 -17.55 22.23
N GLN A 308 -27.54 -18.76 22.50
CA GLN A 308 -27.81 -19.83 21.56
C GLN A 308 -29.32 -20.03 21.42
N TRP A 309 -30.06 -19.85 22.53
CA TRP A 309 -31.53 -19.90 22.56
C TRP A 309 -32.18 -18.79 21.73
N ALA A 310 -31.72 -17.55 21.97
CA ALA A 310 -32.17 -16.32 21.30
C ALA A 310 -31.68 -16.27 19.85
N ASP A 311 -32.36 -15.46 19.04
CA ASP A 311 -31.97 -15.32 17.62
C ASP A 311 -30.82 -14.37 17.55
N THR A 312 -29.70 -14.81 18.11
CA THR A 312 -28.59 -13.81 18.09
C THR A 312 -27.57 -14.14 17.01
N HIS A 313 -28.00 -14.76 15.90
CA HIS A 313 -26.97 -15.15 14.91
C HIS A 313 -26.45 -13.91 14.18
N ASN A 314 -27.28 -13.22 13.39
CA ASN A 314 -26.79 -11.97 12.78
C ASN A 314 -26.01 -11.19 13.84
N LEU A 315 -26.50 -11.21 15.08
CA LEU A 315 -25.72 -10.55 16.12
C LEU A 315 -24.38 -11.24 16.34
N PHE A 316 -24.36 -12.58 16.24
CA PHE A 316 -23.11 -13.29 16.38
C PHE A 316 -22.18 -13.04 15.19
N THR A 317 -22.76 -12.99 14.00
CA THR A 317 -21.94 -12.61 12.84
C THR A 317 -21.42 -11.20 13.10
N TRP A 318 -22.33 -10.28 13.43
CA TRP A 318 -21.95 -8.88 13.67
C TRP A 318 -20.78 -8.79 14.65
N MET A 319 -20.84 -9.55 15.76
CA MET A 319 -19.76 -9.44 16.74
C MET A 319 -18.47 -10.08 16.25
N GLU A 320 -18.58 -11.11 15.41
CA GLU A 320 -17.43 -11.72 14.77
C GLU A 320 -16.81 -10.78 13.73
N GLU A 321 -17.65 -9.95 13.09
CA GLU A 321 -17.16 -8.99 12.11
C GLU A 321 -16.48 -7.80 12.79
N GLN A 322 -16.92 -7.46 14.02
CA GLN A 322 -16.41 -6.28 14.70
C GLN A 322 -15.08 -6.55 15.40
N TYR A 323 -14.90 -7.75 15.96
CA TYR A 323 -13.73 -8.00 16.79
C TYR A 323 -12.93 -9.23 16.34
N GLY A 324 -13.38 -9.93 15.28
CA GLY A 324 -12.71 -11.13 14.81
C GLY A 324 -12.51 -12.16 15.91
N ILE A 325 -13.60 -12.60 16.54
CA ILE A 325 -13.53 -13.44 17.73
C ILE A 325 -14.19 -14.77 17.45
N ALA A 326 -13.36 -15.78 17.14
CA ALA A 326 -13.83 -17.14 17.00
C ALA A 326 -14.18 -17.70 18.38
N CYS A 327 -15.48 -17.79 18.68
CA CYS A 327 -15.92 -18.26 19.99
C CYS A 327 -15.73 -19.76 20.17
N HIS A 328 -15.11 -20.43 19.20
CA HIS A 328 -14.96 -21.88 19.24
C HIS A 328 -13.77 -22.30 18.37
N MET B 1 -5.49 -23.67 -0.85
CA MET B 1 -5.00 -22.61 -1.76
C MET B 1 -3.83 -21.91 -1.09
N GLU B 2 -4.08 -21.44 0.13
CA GLU B 2 -3.11 -20.75 0.98
C GLU B 2 -2.58 -19.50 0.28
N PRO B 3 -3.10 -18.30 0.62
CA PRO B 3 -2.76 -17.10 -0.13
C PRO B 3 -1.27 -16.95 -0.36
N ILE B 4 -0.92 -16.60 -1.61
CA ILE B 4 0.43 -16.20 -1.97
C ILE B 4 1.08 -15.49 -0.77
N GLU B 5 2.06 -16.15 -0.16
CA GLU B 5 2.77 -15.56 0.96
C GLU B 5 3.86 -14.63 0.43
N GLU B 6 3.96 -13.43 1.00
CA GLU B 6 5.22 -12.70 1.01
C GLU B 6 6.07 -13.26 2.14
N ALA B 7 7.39 -13.04 2.06
CA ALA B 7 8.24 -13.29 3.22
C ALA B 7 8.12 -12.13 4.20
N THR B 8 8.72 -12.30 5.39
CA THR B 8 8.57 -11.34 6.46
C THR B 8 7.19 -10.71 6.43
N LYS B 9 6.20 -11.59 6.33
CA LYS B 9 4.85 -11.20 6.63
C LYS B 9 4.92 -10.41 7.93
N CYS B 10 4.70 -9.11 7.82
CA CYS B 10 4.60 -8.24 8.97
C CYS B 10 3.19 -7.69 8.99
N TYR B 11 2.45 -7.92 10.06
CA TYR B 11 1.05 -7.46 10.07
C TYR B 11 1.05 -5.97 9.97
N ASP B 12 1.89 -5.36 10.80
CA ASP B 12 1.90 -3.90 10.90
C ASP B 12 2.15 -3.28 9.51
N GLN B 13 3.14 -3.78 8.74
CA GLN B 13 3.35 -3.21 7.42
C GLN B 13 2.13 -3.42 6.52
N MET B 14 1.51 -4.62 6.59
CA MET B 14 0.37 -4.93 5.73
C MET B 14 -0.79 -4.02 6.07
N LEU B 15 -1.07 -3.89 7.38
CA LEU B 15 -2.15 -3.04 7.85
C LEU B 15 -1.82 -1.59 7.55
N ILE B 16 -0.64 -1.15 8.03
CA ILE B 16 -0.24 0.24 7.83
C ILE B 16 -0.39 0.59 6.35
N VAL B 17 0.12 -0.28 5.48
CA VAL B 17 0.09 0.03 4.02
C VAL B 17 -1.36 0.11 3.57
N GLU B 18 -2.14 -0.94 3.86
CA GLU B 18 -3.58 -0.95 3.46
C GLU B 18 -4.25 0.33 3.96
N ARG B 19 -4.05 0.68 5.24
CA ARG B 19 -4.63 1.92 5.79
C ARG B 19 -4.04 3.12 5.04
N TYR B 20 -2.72 3.15 4.86
CA TYR B 20 -2.08 4.22 4.14
C TYR B 20 -2.59 4.28 2.69
N GLU B 21 -2.95 3.14 2.13
CA GLU B 21 -3.56 3.13 0.81
C GLU B 21 -4.80 4.01 0.80
N ARG B 22 -5.48 4.13 1.94
CA ARG B 22 -6.65 5.02 2.04
C ARG B 22 -6.21 6.47 2.04
N VAL B 23 -5.07 6.79 2.66
CA VAL B 23 -4.49 8.12 2.55
C VAL B 23 -4.21 8.44 1.08
N ILE B 24 -3.48 7.57 0.40
CA ILE B 24 -3.21 7.72 -1.02
C ILE B 24 -4.50 7.85 -1.79
N SER B 25 -5.45 6.96 -1.53
CA SER B 25 -6.69 6.97 -2.28
C SER B 25 -7.45 8.26 -2.03
N TYR B 26 -7.21 8.93 -0.91
CA TYR B 26 -7.83 10.21 -0.65
C TYR B 26 -7.03 11.34 -1.27
N LEU B 27 -5.72 11.29 -1.03
CA LEU B 27 -4.84 12.40 -1.37
C LEU B 27 -4.44 12.38 -2.83
N TYR B 28 -4.22 11.19 -3.39
CA TYR B 28 -3.82 11.15 -4.79
C TYR B 28 -4.85 11.86 -5.67
N PRO B 29 -6.16 11.61 -5.55
CA PRO B 29 -7.12 12.45 -6.27
C PRO B 29 -6.93 13.93 -6.05
N ILE B 30 -6.51 14.34 -4.85
CA ILE B 30 -6.37 15.76 -4.56
C ILE B 30 -4.91 16.16 -4.53
N ALA B 31 -4.04 15.31 -5.03
CA ALA B 31 -2.71 15.71 -5.47
C ALA B 31 -2.78 16.00 -6.95
N GLN B 32 -3.50 15.16 -7.65
CA GLN B 32 -3.64 15.17 -9.08
C GLN B 32 -4.61 16.22 -9.56
N SER B 33 -4.99 17.11 -8.65
CA SER B 33 -5.88 18.20 -9.00
C SER B 33 -5.22 19.55 -8.77
N ILE B 34 -4.19 19.59 -7.88
CA ILE B 34 -3.26 20.71 -7.80
C ILE B 34 -2.90 21.08 -9.22
N PRO B 35 -3.13 22.34 -9.67
CA PRO B 35 -3.20 22.58 -11.12
C PRO B 35 -1.94 22.18 -11.88
N ARG B 36 -1.80 22.65 -13.12
CA ARG B 36 -0.59 22.37 -13.88
C ARG B 36 0.57 22.91 -13.06
N LYS B 37 0.52 24.23 -12.84
CA LYS B 37 1.41 24.86 -11.88
C LYS B 37 1.30 24.14 -10.56
N HIS B 38 2.28 24.39 -9.70
CA HIS B 38 2.42 23.58 -8.49
C HIS B 38 2.50 22.13 -8.89
N GLY B 39 3.09 21.90 -10.07
CA GLY B 39 3.30 20.57 -10.58
C GLY B 39 4.51 19.99 -9.84
N VAL B 40 5.56 20.79 -9.59
CA VAL B 40 6.68 20.24 -8.86
C VAL B 40 6.24 19.97 -7.42
N ALA B 41 5.53 20.92 -6.79
CA ALA B 41 5.03 20.64 -5.45
C ALA B 41 4.23 19.35 -5.52
N ARG B 42 3.31 19.24 -6.48
CA ARG B 42 2.54 18.04 -6.62
C ARG B 42 3.44 16.81 -6.79
N GLU B 43 4.34 16.80 -7.76
CA GLU B 43 5.21 15.64 -7.97
C GLU B 43 5.94 15.28 -6.68
N MET B 44 6.38 16.27 -5.91
CA MET B 44 7.08 16.05 -4.66
C MET B 44 6.12 15.54 -3.59
N PHE B 45 4.89 16.05 -3.62
CA PHE B 45 3.86 15.55 -2.72
C PHE B 45 3.53 14.12 -3.05
N LEU B 46 3.33 13.85 -4.34
CA LEU B 46 3.00 12.50 -4.79
C LEU B 46 4.16 11.57 -4.49
N LYS B 47 5.39 11.99 -4.64
CA LYS B 47 6.50 11.14 -4.29
C LYS B 47 6.55 10.91 -2.78
N CYS B 48 6.05 11.85 -2.00
CA CYS B 48 5.98 11.66 -0.55
C CYS B 48 4.82 10.75 -0.20
N LEU B 49 3.70 10.93 -0.89
CA LEU B 49 2.47 10.20 -0.62
C LEU B 49 2.60 8.76 -1.08
N LEU B 50 2.74 8.56 -2.38
CA LEU B 50 2.91 7.24 -2.96
C LEU B 50 4.19 6.57 -2.55
N GLY B 51 5.17 7.29 -1.99
CA GLY B 51 6.47 6.76 -1.73
C GLY B 51 6.65 6.39 -0.29
N GLN B 52 5.66 6.76 0.51
CA GLN B 52 5.62 6.35 1.91
C GLN B 52 5.32 4.87 2.00
N VAL B 53 4.54 4.37 1.02
CA VAL B 53 4.22 2.95 1.00
C VAL B 53 5.53 2.15 0.98
N GLU B 54 6.47 2.58 0.14
CA GLU B 54 7.74 1.89 0.08
C GLU B 54 8.44 1.96 1.44
N LEU B 55 8.35 3.12 2.11
CA LEU B 55 8.98 3.28 3.42
C LEU B 55 8.42 2.29 4.42
N PHE B 56 7.09 2.13 4.44
CA PHE B 56 6.45 1.15 5.29
C PHE B 56 6.85 -0.26 4.90
N ILE B 57 6.73 -0.52 3.61
CA ILE B 57 6.99 -1.87 3.13
C ILE B 57 8.47 -2.20 3.34
N VAL B 58 9.40 -1.34 2.84
CA VAL B 58 10.77 -1.59 3.18
C VAL B 58 10.91 -1.70 4.70
N ALA B 59 10.10 -0.92 5.41
CA ALA B 59 10.02 -1.05 6.88
C ALA B 59 9.43 -2.38 7.26
N GLY B 60 8.38 -2.79 6.54
CA GLY B 60 7.69 -4.02 6.88
C GLY B 60 8.56 -5.25 6.63
N LYS B 61 9.26 -5.26 5.51
CA LYS B 61 9.92 -6.49 5.08
C LYS B 61 11.28 -6.61 5.72
N SER B 62 12.00 -5.50 5.82
CA SER B 62 13.29 -5.50 6.51
C SER B 62 13.02 -5.00 7.93
N ASN B 63 12.74 -5.94 8.84
CA ASN B 63 12.46 -5.59 10.21
C ASN B 63 13.75 -5.06 10.83
N GLN B 64 14.01 -3.80 10.51
CA GLN B 64 15.00 -3.00 11.20
C GLN B 64 14.25 -1.74 11.60
N VAL B 65 14.36 -1.36 12.86
CA VAL B 65 13.58 -0.25 13.36
C VAL B 65 13.98 1.04 12.65
N SER B 66 15.21 1.08 12.10
CA SER B 66 15.67 2.25 11.36
C SER B 66 14.64 2.68 10.31
N LYS B 67 14.03 1.70 9.65
CA LYS B 67 13.15 2.00 8.49
C LYS B 67 11.78 2.47 8.94
N LEU B 68 11.37 2.08 10.14
CA LEU B 68 10.02 2.45 10.63
C LEU B 68 10.09 3.91 10.97
N TYR B 69 11.10 4.29 11.74
CA TYR B 69 11.31 5.70 12.10
C TYR B 69 11.34 6.52 10.83
N ALA B 70 11.93 5.99 9.77
CA ALA B 70 12.02 6.70 8.51
C ALA B 70 10.72 6.64 7.75
N ALA B 71 9.84 5.73 8.14
CA ALA B 71 8.46 5.72 7.66
C ALA B 71 7.61 6.67 8.48
N ASP B 72 7.96 6.83 9.76
CA ASP B 72 7.39 7.89 10.58
C ASP B 72 7.82 9.25 10.07
N ALA B 73 9.12 9.38 9.76
CA ALA B 73 9.61 10.59 9.11
C ALA B 73 8.81 10.82 7.83
N GLY B 74 8.51 9.80 7.08
CA GLY B 74 7.79 10.00 5.85
C GLY B 74 6.36 10.39 6.13
N LEU B 75 5.72 9.73 7.11
CA LEU B 75 4.36 10.10 7.50
C LEU B 75 4.34 11.54 7.98
N ALA B 76 5.39 11.95 8.69
CA ALA B 76 5.54 13.32 9.16
C ALA B 76 5.66 14.28 7.98
N MET B 77 6.46 13.91 6.99
CA MET B 77 6.57 14.70 5.78
C MET B 77 5.23 14.75 5.04
N LEU B 78 4.49 13.64 5.04
CA LEU B 78 3.19 13.63 4.41
C LEU B 78 2.24 14.60 5.12
N ARG B 79 2.33 14.63 6.45
CA ARG B 79 1.57 15.61 7.22
C ARG B 79 1.98 17.01 6.82
N PHE B 80 3.30 17.25 6.66
CA PHE B 80 3.73 18.54 6.13
C PHE B 80 3.06 18.83 4.80
N TRP B 81 3.08 17.88 3.91
CA TRP B 81 2.50 18.09 2.60
C TRP B 81 1.02 18.50 2.70
N LEU B 82 0.27 17.87 3.61
CA LEU B 82 -1.09 18.32 3.80
C LEU B 82 -1.10 19.77 4.25
N ARG B 83 -0.41 20.04 5.37
CA ARG B 83 -0.16 21.41 5.83
C ARG B 83 0.25 22.27 4.64
N PHE B 84 1.26 21.80 3.91
CA PHE B 84 1.74 22.54 2.77
C PHE B 84 0.67 22.65 1.69
N LEU B 85 0.13 21.53 1.26
CA LEU B 85 -0.83 21.61 0.14
C LEU B 85 -2.05 22.42 0.58
N ALA B 86 -2.41 22.36 1.86
CA ALA B 86 -3.51 23.18 2.31
C ALA B 86 -3.13 24.65 2.30
N GLY B 87 -2.13 24.97 3.12
CA GLY B 87 -1.82 26.36 3.41
C GLY B 87 -1.01 27.05 2.33
N ILE B 88 0.19 26.53 2.09
CA ILE B 88 1.20 27.22 1.30
C ILE B 88 0.93 27.08 -0.20
N GLN B 89 0.41 25.93 -0.63
CA GLN B 89 -0.08 25.88 -1.98
C GLN B 89 -1.12 26.97 -2.16
N LYS B 90 -1.11 27.69 -3.30
CA LYS B 90 -1.88 28.92 -3.26
C LYS B 90 -3.23 28.90 -3.95
N PRO B 91 -3.48 28.20 -5.06
CA PRO B 91 -4.85 28.20 -5.60
C PRO B 91 -5.76 27.61 -4.52
N HIS B 92 -5.35 26.44 -4.06
CA HIS B 92 -6.06 25.73 -3.01
C HIS B 92 -5.26 24.48 -2.71
N ALA B 93 -5.38 23.53 -3.64
CA ALA B 93 -4.84 22.18 -3.56
C ALA B 93 -5.73 21.34 -2.67
N MET B 94 -5.63 21.56 -1.36
CA MET B 94 -6.42 20.79 -0.42
C MET B 94 -7.30 21.75 0.36
N THR B 95 -8.61 21.60 0.21
CA THR B 95 -9.54 22.28 1.08
C THR B 95 -9.25 21.85 2.51
N PRO B 96 -9.54 22.70 3.52
CA PRO B 96 -9.26 22.31 4.90
C PRO B 96 -10.11 21.15 5.39
N HIS B 97 -11.20 20.81 4.69
CA HIS B 97 -11.93 19.58 4.97
C HIS B 97 -11.04 18.39 4.64
N GLN B 98 -10.26 18.54 3.58
CA GLN B 98 -9.42 17.47 3.06
C GLN B 98 -8.20 17.26 3.95
N VAL B 99 -7.57 18.33 4.44
CA VAL B 99 -6.52 18.13 5.43
C VAL B 99 -7.10 17.48 6.67
N GLU B 100 -8.26 17.98 7.11
CA GLU B 100 -9.00 17.35 8.19
C GLU B 100 -9.25 15.86 7.89
N THR B 101 -9.71 15.57 6.68
CA THR B 101 -9.90 14.18 6.25
C THR B 101 -8.57 13.47 6.16
N ALA B 102 -7.63 14.09 5.44
CA ALA B 102 -6.35 13.45 5.19
C ALA B 102 -5.61 13.23 6.49
N GLN B 103 -5.61 14.23 7.37
CA GLN B 103 -4.90 14.14 8.64
C GLN B 103 -5.45 12.97 9.46
N VAL B 104 -6.76 12.70 9.37
CA VAL B 104 -7.36 11.57 10.06
C VAL B 104 -6.76 10.26 9.54
N LEU B 105 -6.70 10.14 8.21
CA LEU B 105 -6.17 8.94 7.58
C LEU B 105 -4.70 8.78 7.91
N ILE B 106 -3.92 9.86 7.76
CA ILE B 106 -2.51 9.80 8.12
C ILE B 106 -2.38 9.54 9.62
N ALA B 107 -3.30 10.08 10.41
CA ALA B 107 -3.35 9.81 11.85
C ALA B 107 -3.60 8.33 12.09
N GLU B 108 -4.51 7.72 11.32
CA GLU B 108 -4.74 6.28 11.45
C GLU B 108 -3.46 5.53 11.13
N VAL B 109 -2.81 5.90 10.02
CA VAL B 109 -1.52 5.33 9.66
C VAL B 109 -0.48 5.72 10.67
N GLY B 110 -0.59 6.90 11.27
CA GLY B 110 0.30 7.31 12.34
C GLY B 110 0.17 6.36 13.53
N ARG B 111 -1.08 6.07 13.94
CA ARG B 111 -1.35 5.16 15.04
C ARG B 111 -0.68 3.82 14.80
N ILE B 112 -0.89 3.26 13.61
CA ILE B 112 -0.40 1.92 13.28
C ILE B 112 1.12 1.91 13.24
N LEU B 113 1.70 2.99 12.69
CA LEU B 113 3.14 3.13 12.70
C LEU B 113 3.66 3.20 14.13
N GLY B 114 3.00 3.98 14.97
CA GLY B 114 3.40 4.10 16.36
C GLY B 114 3.36 2.76 17.08
N SER B 115 2.24 2.05 16.93
CA SER B 115 2.11 0.73 17.54
C SER B 115 3.22 -0.20 17.05
N TRP B 116 3.50 -0.11 15.75
CA TRP B 116 4.52 -0.93 15.11
C TRP B 116 5.90 -0.56 15.60
N ILE B 117 6.19 0.74 15.67
CA ILE B 117 7.45 1.20 16.22
C ILE B 117 7.61 0.65 17.64
N ALA B 118 6.54 0.74 18.42
CA ALA B 118 6.56 0.32 19.82
C ALA B 118 6.78 -1.19 19.91
N ARG B 119 6.02 -1.98 19.14
CA ARG B 119 6.13 -3.42 19.26
C ARG B 119 7.55 -3.87 18.88
N VAL B 120 8.16 -3.19 17.90
CA VAL B 120 9.54 -3.50 17.54
C VAL B 120 10.50 -3.01 18.62
N ASN B 121 10.22 -1.85 19.20
CA ASN B 121 11.12 -1.27 20.18
C ASN B 121 11.25 -2.17 21.41
N ARG B 122 10.18 -2.86 21.79
CA ARG B 122 10.30 -3.86 22.85
C ARG B 122 11.11 -5.06 22.36
N TYR C 11 21.31 -19.79 -10.90
CA TYR C 11 20.01 -19.94 -10.18
C TYR C 11 19.76 -18.73 -9.29
N ASP C 12 18.74 -18.86 -8.43
CA ASP C 12 18.39 -17.85 -7.44
C ASP C 12 18.22 -16.47 -8.07
N GLN C 13 19.29 -15.65 -8.10
CA GLN C 13 19.20 -14.32 -8.66
C GLN C 13 18.83 -14.36 -10.15
N MET C 14 19.44 -15.29 -10.89
CA MET C 14 19.18 -15.39 -12.32
C MET C 14 17.73 -15.79 -12.55
N LEU C 15 17.28 -16.81 -11.81
CA LEU C 15 15.90 -17.27 -11.93
C LEU C 15 14.92 -16.18 -11.52
N ILE C 16 15.13 -15.57 -10.34
CA ILE C 16 14.22 -14.55 -9.84
C ILE C 16 14.07 -13.44 -10.88
N VAL C 17 15.19 -13.01 -11.46
CA VAL C 17 15.16 -11.90 -12.39
C VAL C 17 14.43 -12.29 -13.68
N GLU C 18 14.67 -13.51 -14.17
CA GLU C 18 13.97 -13.95 -15.37
C GLU C 18 12.48 -14.08 -15.13
N ARG C 19 12.07 -14.40 -13.90
CA ARG C 19 10.66 -14.47 -13.56
C ARG C 19 10.10 -13.08 -13.35
N TYR C 20 10.94 -12.20 -12.77
CA TYR C 20 10.55 -10.82 -12.62
C TYR C 20 10.51 -10.07 -13.96
N GLU C 21 11.36 -10.44 -14.90
CA GLU C 21 11.31 -9.87 -16.23
C GLU C 21 9.91 -10.05 -16.81
N ARG C 22 9.19 -11.12 -16.42
CA ARG C 22 7.84 -11.31 -16.93
C ARG C 22 6.89 -10.29 -16.31
N VAL C 23 7.13 -9.95 -15.03
CA VAL C 23 6.39 -8.87 -14.40
C VAL C 23 6.61 -7.58 -15.17
N ILE C 24 7.88 -7.21 -15.35
CA ILE C 24 8.22 -6.01 -16.11
C ILE C 24 7.61 -6.06 -17.50
N SER C 25 7.72 -7.21 -18.17
CA SER C 25 7.21 -7.31 -19.53
C SER C 25 5.72 -7.11 -19.55
N TYR C 26 5.04 -7.44 -18.43
CA TYR C 26 3.60 -7.25 -18.37
C TYR C 26 3.28 -5.82 -17.93
N LEU C 27 4.00 -5.37 -16.90
CA LEU C 27 3.67 -4.12 -16.25
C LEU C 27 4.25 -2.92 -16.97
N TYR C 28 5.43 -3.04 -17.58
CA TYR C 28 5.97 -1.91 -18.29
C TYR C 28 4.97 -1.38 -19.31
N PRO C 29 4.36 -2.19 -20.19
CA PRO C 29 3.31 -1.67 -21.07
C PRO C 29 2.20 -0.95 -20.33
N ILE C 30 1.80 -1.46 -19.17
CA ILE C 30 0.72 -0.86 -18.38
C ILE C 30 1.17 0.48 -17.82
N ALA C 31 2.44 0.50 -17.42
CA ALA C 31 3.03 1.64 -16.75
C ALA C 31 3.44 2.72 -17.73
N GLN C 32 3.50 2.38 -19.01
CA GLN C 32 3.74 3.33 -20.06
C GLN C 32 2.44 3.92 -20.54
N SER C 33 1.33 3.26 -20.24
CA SER C 33 -0.01 3.68 -20.66
C SER C 33 -0.63 4.66 -19.66
N ILE C 34 -0.24 4.53 -18.38
CA ILE C 34 -0.68 5.43 -17.33
C ILE C 34 -0.58 6.84 -17.88
N PRO C 35 -1.66 7.62 -17.92
CA PRO C 35 -1.57 8.92 -18.56
C PRO C 35 -0.49 9.77 -17.87
N ARG C 36 -0.02 10.78 -18.59
CA ARG C 36 0.95 11.69 -17.95
C ARG C 36 0.27 12.18 -16.69
N LYS C 37 -1.03 12.49 -16.73
CA LYS C 37 -1.64 13.04 -15.52
C LYS C 37 -1.13 12.18 -14.39
N HIS C 38 -1.31 10.88 -14.48
CA HIS C 38 -0.83 9.97 -13.42
C HIS C 38 0.61 9.65 -13.74
N GLY C 39 1.43 10.67 -14.00
CA GLY C 39 2.76 10.43 -14.43
C GLY C 39 3.73 10.43 -13.28
N VAL C 40 3.44 10.97 -12.12
CA VAL C 40 4.29 10.64 -10.99
C VAL C 40 4.05 9.18 -10.63
N ALA C 41 2.77 8.86 -10.38
CA ALA C 41 2.40 7.49 -10.09
C ALA C 41 3.09 6.58 -11.09
N ARG C 42 2.97 6.91 -12.37
CA ARG C 42 3.61 6.10 -13.39
C ARG C 42 5.13 6.07 -13.21
N GLU C 43 5.79 7.22 -13.16
CA GLU C 43 7.24 7.23 -13.05
C GLU C 43 7.65 6.45 -11.80
N MET C 44 6.90 6.58 -10.73
CA MET C 44 7.23 5.92 -9.47
C MET C 44 6.92 4.44 -9.55
N PHE C 45 5.88 4.08 -10.32
CA PHE C 45 5.59 2.67 -10.56
C PHE C 45 6.66 2.04 -11.40
N LEU C 46 7.07 2.74 -12.47
CA LEU C 46 8.14 2.24 -13.33
C LEU C 46 9.42 2.13 -12.52
N LYS C 47 9.72 3.10 -11.65
CA LYS C 47 10.91 3.03 -10.84
C LYS C 47 10.82 1.87 -9.86
N CYS C 48 9.61 1.51 -9.46
CA CYS C 48 9.44 0.38 -8.55
C CYS C 48 9.56 -0.93 -9.30
N LEU C 49 9.00 -0.94 -10.52
CA LEU C 49 8.97 -2.14 -11.35
C LEU C 49 10.36 -2.45 -11.88
N LEU C 50 10.89 -1.57 -12.70
CA LEU C 50 12.21 -1.76 -13.27
C LEU C 50 13.27 -1.69 -12.19
N GLY C 51 12.97 -1.20 -10.98
CA GLY C 51 14.04 -0.96 -10.02
C GLY C 51 14.04 -2.00 -8.94
N GLN C 52 12.98 -2.80 -8.95
CA GLN C 52 12.98 -4.04 -8.19
C GLN C 52 14.01 -4.99 -8.77
N VAL C 53 14.19 -4.95 -10.10
CA VAL C 53 15.29 -5.70 -10.71
C VAL C 53 16.58 -5.35 -10.00
N GLU C 54 16.82 -4.09 -9.70
CA GLU C 54 17.99 -3.71 -8.92
C GLU C 54 17.92 -4.34 -7.54
N LEU C 55 16.73 -4.41 -6.94
CA LEU C 55 16.59 -5.01 -5.61
C LEU C 55 16.94 -6.49 -5.65
N PHE C 56 16.49 -7.19 -6.71
CA PHE C 56 16.85 -8.58 -6.91
C PHE C 56 18.34 -8.72 -7.17
N ILE C 57 18.84 -7.88 -8.06
CA ILE C 57 20.24 -7.92 -8.45
C ILE C 57 21.13 -7.75 -7.24
N VAL C 58 20.83 -6.76 -6.41
CA VAL C 58 21.61 -6.48 -5.20
C VAL C 58 21.61 -7.68 -4.25
N ALA C 59 20.47 -8.37 -4.17
CA ALA C 59 20.30 -9.48 -3.23
C ALA C 59 21.16 -10.67 -3.62
N GLY C 60 21.31 -10.87 -4.92
CA GLY C 60 22.07 -12.00 -5.42
C GLY C 60 23.54 -11.64 -5.39
N LYS C 61 23.83 -10.35 -5.52
CA LYS C 61 25.21 -9.94 -5.36
C LYS C 61 25.69 -10.14 -3.93
N SER C 62 24.77 -10.31 -2.97
CA SER C 62 25.16 -10.27 -1.57
C SER C 62 24.82 -11.55 -0.80
N ASN C 63 23.79 -12.31 -1.21
CA ASN C 63 23.33 -13.41 -0.38
C ASN C 63 23.24 -12.94 1.08
N GLN C 64 22.58 -11.80 1.24
CA GLN C 64 22.31 -11.19 2.52
C GLN C 64 20.80 -11.20 2.64
N VAL C 65 20.28 -11.90 3.65
CA VAL C 65 18.85 -12.11 3.69
C VAL C 65 18.11 -10.78 3.71
N SER C 66 18.77 -9.74 4.22
CA SER C 66 18.16 -8.42 4.30
C SER C 66 17.90 -7.86 2.92
N LYS C 67 18.81 -8.13 1.97
CA LYS C 67 18.67 -7.60 0.63
C LYS C 67 17.63 -8.37 -0.16
N LEU C 68 17.29 -9.58 0.29
CA LEU C 68 16.20 -10.32 -0.33
C LEU C 68 14.89 -10.05 0.39
N TYR C 69 14.92 -9.56 1.62
CA TYR C 69 13.75 -8.95 2.22
C TYR C 69 13.51 -7.55 1.65
N ALA C 70 14.58 -6.85 1.28
CA ALA C 70 14.46 -5.64 0.50
C ALA C 70 13.95 -5.96 -0.89
N ALA C 71 14.35 -7.14 -1.41
CA ALA C 71 13.75 -7.63 -2.65
C ALA C 71 12.28 -7.95 -2.40
N ASP C 72 11.94 -8.46 -1.21
CA ASP C 72 10.55 -8.76 -0.88
C ASP C 72 9.78 -7.46 -0.71
N ALA C 73 10.38 -6.50 -0.02
CA ALA C 73 9.80 -5.19 0.15
C ALA C 73 9.48 -4.57 -1.20
N GLY C 74 10.39 -4.72 -2.15
CA GLY C 74 10.12 -4.14 -3.44
C GLY C 74 8.96 -4.83 -4.14
N LEU C 75 8.92 -6.17 -4.04
CA LEU C 75 7.80 -6.94 -4.60
C LEU C 75 6.50 -6.50 -3.95
N ALA C 76 6.56 -6.23 -2.64
CA ALA C 76 5.41 -5.74 -1.91
C ALA C 76 4.98 -4.37 -2.41
N MET C 77 5.97 -3.49 -2.61
CA MET C 77 5.69 -2.18 -3.16
C MET C 77 5.12 -2.29 -4.56
N LEU C 78 5.62 -3.24 -5.33
CA LEU C 78 5.10 -3.46 -6.66
C LEU C 78 3.63 -3.86 -6.62
N ARG C 79 3.29 -4.74 -5.67
CA ARG C 79 1.89 -5.10 -5.48
C ARG C 79 1.10 -3.90 -5.02
N PHE C 80 1.68 -3.06 -4.15
CA PHE C 80 1.04 -1.79 -3.87
C PHE C 80 0.74 -1.05 -5.18
N TRP C 81 1.74 -0.99 -6.03
CA TRP C 81 1.57 -0.28 -7.27
C TRP C 81 0.43 -0.83 -8.11
N LEU C 82 0.31 -2.16 -8.15
CA LEU C 82 -0.78 -2.76 -8.88
C LEU C 82 -2.09 -2.28 -8.25
N ARG C 83 -2.26 -2.48 -6.92
CA ARG C 83 -3.41 -1.98 -6.21
C ARG C 83 -3.69 -0.52 -6.51
N PHE C 84 -2.64 0.29 -6.44
CA PHE C 84 -2.77 1.73 -6.60
C PHE C 84 -3.23 2.08 -8.00
N LEU C 85 -2.51 1.63 -8.99
CA LEU C 85 -2.89 1.83 -10.38
C LEU C 85 -3.95 0.78 -10.61
N ALA C 86 -5.20 1.13 -10.42
CA ALA C 86 -6.36 0.22 -10.53
C ALA C 86 -7.42 1.10 -9.89
N GLY C 87 -7.06 1.76 -8.79
CA GLY C 87 -7.88 2.83 -8.19
C GLY C 87 -7.42 4.19 -8.72
N ILE C 88 -6.14 4.36 -9.12
CA ILE C 88 -5.66 5.62 -9.77
C ILE C 88 -6.91 6.18 -10.37
N GLN C 89 -7.46 7.17 -9.70
CA GLN C 89 -8.77 7.71 -10.11
C GLN C 89 -9.04 7.46 -11.58
N LYS C 90 -8.53 8.34 -12.42
CA LYS C 90 -8.95 8.24 -13.83
C LYS C 90 -8.06 7.20 -14.49
N PRO C 91 -8.07 7.01 -15.83
CA PRO C 91 -7.33 5.95 -16.47
C PRO C 91 -6.62 5.05 -15.45
N HIS C 92 -7.39 4.16 -14.82
CA HIS C 92 -6.82 3.27 -13.78
C HIS C 92 -5.82 2.36 -14.45
N ALA C 93 -4.64 2.87 -14.77
CA ALA C 93 -3.57 2.05 -15.35
C ALA C 93 -3.97 0.59 -15.42
N MET C 94 -3.81 -0.12 -14.30
CA MET C 94 -4.04 -1.57 -14.33
C MET C 94 -5.50 -1.89 -14.13
N THR C 95 -6.21 -2.26 -15.19
CA THR C 95 -7.61 -2.70 -15.08
C THR C 95 -7.67 -3.85 -14.10
N PRO C 96 -8.82 -4.22 -13.52
CA PRO C 96 -8.86 -5.37 -12.64
C PRO C 96 -8.10 -6.56 -13.21
N HIS C 97 -8.38 -6.88 -14.48
CA HIS C 97 -7.66 -7.95 -15.16
C HIS C 97 -6.14 -7.71 -15.12
N GLN C 98 -5.70 -6.50 -15.40
CA GLN C 98 -4.23 -6.33 -15.46
C GLN C 98 -3.64 -6.57 -14.09
N VAL C 99 -4.41 -6.42 -13.01
CA VAL C 99 -3.79 -6.56 -11.66
C VAL C 99 -3.85 -8.04 -11.33
N GLU C 100 -4.85 -8.76 -11.86
CA GLU C 100 -4.92 -10.23 -11.67
C GLU C 100 -3.69 -10.78 -12.36
N THR C 101 -3.54 -10.46 -13.64
CA THR C 101 -2.40 -10.98 -14.43
C THR C 101 -1.14 -10.57 -13.70
N ALA C 102 -0.98 -9.27 -13.48
CA ALA C 102 0.29 -8.80 -12.89
C ALA C 102 0.50 -9.49 -11.54
N GLN C 103 -0.51 -9.47 -10.67
CA GLN C 103 -0.36 -10.05 -9.35
C GLN C 103 0.08 -11.50 -9.42
N VAL C 104 -0.39 -12.22 -10.45
CA VAL C 104 0.00 -13.60 -10.64
C VAL C 104 1.50 -13.68 -10.94
N LEU C 105 1.96 -12.81 -11.85
CA LEU C 105 3.37 -12.75 -12.22
C LEU C 105 4.20 -12.35 -11.02
N ILE C 106 3.80 -11.30 -10.32
CA ILE C 106 4.56 -10.86 -9.15
C ILE C 106 4.53 -11.94 -8.10
N ALA C 107 3.40 -12.67 -7.99
CA ALA C 107 3.32 -13.81 -7.09
C ALA C 107 4.34 -14.88 -7.47
N GLU C 108 4.49 -15.12 -8.78
CA GLU C 108 5.50 -16.08 -9.22
C GLU C 108 6.88 -15.61 -8.82
N VAL C 109 7.18 -14.34 -9.04
CA VAL C 109 8.41 -13.72 -8.54
C VAL C 109 8.43 -13.72 -7.05
N GLY C 110 7.26 -13.54 -6.42
CA GLY C 110 7.15 -13.62 -4.96
C GLY C 110 7.55 -15.01 -4.47
N ARG C 111 7.03 -16.06 -5.13
CA ARG C 111 7.35 -17.43 -4.79
C ARG C 111 8.84 -17.65 -4.81
N ILE C 112 9.50 -17.21 -5.89
CA ILE C 112 10.92 -17.45 -6.08
C ILE C 112 11.72 -16.68 -5.05
N LEU C 113 11.28 -15.46 -4.76
CA LEU C 113 11.93 -14.68 -3.72
C LEU C 113 11.77 -15.39 -2.37
N GLY C 114 10.57 -15.88 -2.08
CA GLY C 114 10.33 -16.61 -0.84
C GLY C 114 11.24 -17.83 -0.72
N SER C 115 11.31 -18.64 -1.79
CA SER C 115 12.18 -19.81 -1.79
C SER C 115 13.63 -19.40 -1.56
N TRP C 116 14.03 -18.30 -2.21
CA TRP C 116 15.39 -17.76 -2.09
C TRP C 116 15.63 -17.26 -0.66
N ILE C 117 14.67 -16.54 -0.09
CA ILE C 117 14.78 -16.12 1.30
C ILE C 117 14.97 -17.34 2.18
N ALA C 118 14.18 -18.39 1.94
CA ALA C 118 14.26 -19.62 2.71
C ALA C 118 15.61 -20.33 2.51
N ARG C 119 16.05 -20.44 1.26
CA ARG C 119 17.33 -21.07 0.94
C ARG C 119 18.47 -20.40 1.69
N VAL C 120 18.40 -19.07 1.83
CA VAL C 120 19.39 -18.33 2.59
C VAL C 120 19.21 -18.56 4.09
N ASN C 121 17.96 -18.64 4.54
CA ASN C 121 17.67 -18.88 5.96
C ASN C 121 18.27 -20.22 6.42
N GLN D 13 36.70 5.20 -9.66
CA GLN D 13 38.17 5.03 -9.79
C GLN D 13 38.64 6.00 -10.88
N MET D 14 39.39 5.50 -11.87
CA MET D 14 39.63 6.27 -13.08
C MET D 14 39.48 5.38 -14.31
N LEU D 15 40.10 4.19 -14.26
CA LEU D 15 40.07 3.32 -15.43
C LEU D 15 38.68 2.72 -15.60
N ILE D 16 38.02 2.31 -14.52
CA ILE D 16 36.66 1.78 -14.63
C ILE D 16 35.76 2.81 -15.31
N VAL D 17 35.87 4.06 -14.91
CA VAL D 17 35.00 5.10 -15.45
C VAL D 17 35.31 5.32 -16.93
N GLU D 18 36.59 5.31 -17.30
CA GLU D 18 36.96 5.50 -18.69
C GLU D 18 36.47 4.33 -19.56
N ARG D 19 36.40 3.13 -18.98
CA ARG D 19 35.86 1.99 -19.71
C ARG D 19 34.34 2.02 -19.70
N TYR D 20 33.74 2.51 -18.61
CA TYR D 20 32.31 2.68 -18.56
C TYR D 20 31.85 3.83 -19.47
N GLU D 21 32.68 4.87 -19.64
CA GLU D 21 32.38 5.91 -20.59
C GLU D 21 32.05 5.31 -21.96
N ARG D 22 32.71 4.19 -22.29
CA ARG D 22 32.46 3.53 -23.57
C ARG D 22 31.08 2.88 -23.59
N VAL D 23 30.67 2.32 -22.44
CA VAL D 23 29.32 1.81 -22.32
C VAL D 23 28.33 2.95 -22.57
N ILE D 24 28.48 4.05 -21.83
CA ILE D 24 27.60 5.21 -22.00
C ILE D 24 27.63 5.68 -23.43
N SER D 25 28.84 5.80 -24.00
CA SER D 25 28.95 6.32 -25.35
C SER D 25 28.26 5.41 -26.34
N TYR D 26 28.14 4.11 -26.00
CA TYR D 26 27.44 3.18 -26.87
C TYR D 26 25.94 3.22 -26.60
N LEU D 27 25.60 3.19 -25.30
CA LEU D 27 24.22 2.98 -24.89
C LEU D 27 23.44 4.29 -24.92
N TYR D 28 24.08 5.43 -24.59
CA TYR D 28 23.35 6.68 -24.66
C TYR D 28 22.74 6.89 -26.05
N PRO D 29 23.46 6.75 -27.16
CA PRO D 29 22.80 6.81 -28.46
C PRO D 29 21.67 5.81 -28.60
N ILE D 30 21.87 4.58 -28.10
CA ILE D 30 20.81 3.57 -28.09
C ILE D 30 19.65 4.01 -27.21
N ALA D 31 20.01 4.66 -26.10
CA ALA D 31 19.05 5.14 -25.12
C ALA D 31 18.32 6.36 -25.63
N GLN D 32 18.93 7.11 -26.53
CA GLN D 32 18.34 8.26 -27.14
C GLN D 32 17.57 7.93 -28.36
N SER D 33 17.68 6.69 -28.83
CA SER D 33 16.87 6.19 -29.94
C SER D 33 15.52 5.67 -29.43
N ILE D 34 15.45 5.27 -28.16
CA ILE D 34 14.20 4.84 -27.56
C ILE D 34 13.15 5.89 -27.83
N PRO D 35 12.01 5.52 -28.41
CA PRO D 35 11.05 6.50 -28.84
C PRO D 35 10.38 7.27 -27.70
N ARG D 36 9.74 8.38 -28.05
CA ARG D 36 9.06 9.22 -27.04
C ARG D 36 8.32 8.26 -26.14
N LYS D 37 7.30 7.60 -26.69
CA LYS D 37 6.47 6.67 -25.89
C LYS D 37 7.29 6.14 -24.72
N HIS D 38 8.42 5.49 -25.01
CA HIS D 38 9.15 4.87 -23.93
C HIS D 38 10.17 5.82 -23.34
N GLY D 39 9.71 7.03 -23.05
CA GLY D 39 10.58 8.11 -22.63
C GLY D 39 10.94 7.96 -21.15
N VAL D 40 9.98 7.56 -20.31
CA VAL D 40 10.29 7.30 -18.93
C VAL D 40 11.21 6.08 -18.83
N ALA D 41 10.90 5.01 -19.53
CA ALA D 41 11.85 3.91 -19.58
C ALA D 41 13.19 4.46 -20.05
N ARG D 42 13.17 5.29 -21.10
CA ARG D 42 14.38 5.92 -21.54
C ARG D 42 15.03 6.74 -20.41
N GLU D 43 14.29 7.68 -19.84
CA GLU D 43 14.83 8.50 -18.75
C GLU D 43 15.42 7.60 -17.67
N MET D 44 14.75 6.50 -17.37
CA MET D 44 15.18 5.61 -16.31
C MET D 44 16.41 4.80 -16.73
N PHE D 45 16.46 4.44 -18.02
CA PHE D 45 17.63 3.77 -18.53
C PHE D 45 18.83 4.70 -18.52
N LEU D 46 18.61 5.93 -18.98
CA LEU D 46 19.68 6.92 -19.00
C LEU D 46 20.13 7.24 -17.58
N LYS D 47 19.21 7.31 -16.62
CA LYS D 47 19.62 7.55 -15.26
C LYS D 47 20.38 6.37 -14.70
N CYS D 48 20.13 5.17 -15.22
CA CYS D 48 20.92 4.01 -14.80
C CYS D 48 22.30 4.03 -15.46
N LEU D 49 22.30 4.40 -16.74
CA LEU D 49 23.52 4.38 -17.54
C LEU D 49 24.46 5.50 -17.14
N LEU D 50 24.01 6.73 -17.32
CA LEU D 50 24.81 7.89 -16.96
C LEU D 50 25.00 8.02 -15.47
N GLY D 51 24.22 7.32 -14.64
CA GLY D 51 24.28 7.53 -13.22
C GLY D 51 25.02 6.42 -12.52
N GLN D 52 25.27 5.36 -13.27
CA GLN D 52 26.20 4.34 -12.80
C GLN D 52 27.60 4.90 -12.78
N VAL D 53 27.91 5.79 -13.73
CA VAL D 53 29.19 6.51 -13.66
C VAL D 53 29.34 7.10 -12.28
N GLU D 54 28.27 7.70 -11.73
CA GLU D 54 28.32 8.18 -10.37
C GLU D 54 28.62 7.02 -9.41
N LEU D 55 28.02 5.85 -9.64
CA LEU D 55 28.25 4.71 -8.76
C LEU D 55 29.72 4.28 -8.79
N PHE D 56 30.31 4.25 -9.99
CA PHE D 56 31.73 3.95 -10.12
C PHE D 56 32.58 5.01 -9.46
N ILE D 57 32.23 6.26 -9.73
CA ILE D 57 33.03 7.37 -9.25
C ILE D 57 33.04 7.39 -7.73
N VAL D 58 31.85 7.26 -7.10
CA VAL D 58 31.74 7.37 -5.67
C VAL D 58 32.53 6.26 -4.98
N ALA D 59 32.57 5.08 -5.60
CA ALA D 59 33.42 4.00 -5.12
C ALA D 59 34.88 4.36 -5.27
N GLY D 60 35.22 5.04 -6.37
CA GLY D 60 36.61 5.43 -6.62
C GLY D 60 37.20 6.25 -5.47
N LYS D 61 36.41 7.20 -4.98
CA LYS D 61 36.85 7.99 -3.84
C LYS D 61 36.71 7.18 -2.54
N SER D 62 35.47 6.99 -2.10
CA SER D 62 35.18 6.22 -0.90
C SER D 62 35.33 4.72 -1.16
N ASN D 63 36.45 4.11 -0.74
CA ASN D 63 36.83 2.78 -1.17
C ASN D 63 36.11 1.64 -0.44
N GLN D 64 35.44 1.93 0.68
CA GLN D 64 34.64 0.94 1.38
C GLN D 64 33.94 0.03 0.36
N VAL D 65 34.11 -1.29 0.54
CA VAL D 65 33.62 -2.25 -0.44
C VAL D 65 32.11 -2.14 -0.61
N SER D 66 31.42 -1.60 0.38
CA SER D 66 29.99 -1.31 0.25
C SER D 66 29.72 -0.49 -1.00
N LYS D 67 30.58 0.49 -1.28
CA LYS D 67 30.38 1.39 -2.40
C LYS D 67 30.70 0.72 -3.74
N LEU D 68 31.51 -0.34 -3.74
CA LEU D 68 31.94 -1.00 -4.97
C LEU D 68 30.91 -2.02 -5.47
N TYR D 69 30.17 -2.64 -4.55
CA TYR D 69 29.16 -3.61 -4.93
C TYR D 69 27.93 -2.91 -5.48
N ALA D 70 27.67 -1.69 -5.01
CA ALA D 70 26.61 -0.86 -5.54
C ALA D 70 26.89 -0.50 -6.99
N ALA D 71 28.17 -0.33 -7.34
CA ALA D 71 28.58 -0.15 -8.72
C ALA D 71 28.26 -1.39 -9.53
N ASP D 72 28.47 -2.57 -8.93
CA ASP D 72 28.18 -3.84 -9.61
C ASP D 72 26.68 -3.98 -9.80
N ALA D 73 25.93 -3.70 -8.74
CA ALA D 73 24.48 -3.71 -8.82
C ALA D 73 24.01 -2.78 -9.95
N GLY D 74 24.63 -1.63 -10.09
CA GLY D 74 24.21 -0.72 -11.13
C GLY D 74 24.51 -1.25 -12.52
N LEU D 75 25.68 -1.88 -12.69
CA LEU D 75 26.00 -2.52 -13.96
C LEU D 75 25.03 -3.64 -14.24
N ALA D 76 24.72 -4.44 -13.20
CA ALA D 76 23.71 -5.48 -13.33
C ALA D 76 22.37 -4.88 -13.66
N MET D 77 22.05 -3.76 -13.03
CA MET D 77 20.91 -2.98 -13.45
C MET D 77 21.11 -2.49 -14.88
N LEU D 78 22.32 -2.03 -15.21
CA LEU D 78 22.57 -1.62 -16.58
C LEU D 78 22.42 -2.82 -17.53
N ARG D 79 22.92 -3.99 -17.09
CA ARG D 79 22.71 -5.19 -17.87
C ARG D 79 21.21 -5.50 -17.95
N PHE D 80 20.49 -5.34 -16.85
CA PHE D 80 19.05 -5.49 -16.91
C PHE D 80 18.46 -4.54 -17.94
N TRP D 81 18.86 -3.29 -17.89
CA TRP D 81 18.33 -2.32 -18.83
C TRP D 81 18.57 -2.73 -20.28
N LEU D 82 19.72 -3.35 -20.56
CA LEU D 82 19.93 -3.86 -21.89
C LEU D 82 18.85 -4.88 -22.21
N ARG D 83 18.70 -5.91 -21.36
CA ARG D 83 17.64 -6.89 -21.49
C ARG D 83 16.29 -6.21 -21.70
N PHE D 84 15.99 -5.25 -20.86
CA PHE D 84 14.71 -4.56 -20.92
C PHE D 84 14.51 -3.81 -22.23
N LEU D 85 15.48 -3.00 -22.61
CA LEU D 85 15.38 -2.24 -23.85
C LEU D 85 15.34 -3.17 -25.06
N ALA D 86 15.97 -4.35 -24.95
CA ALA D 86 15.92 -5.36 -25.98
C ALA D 86 14.79 -6.33 -25.70
N GLY D 87 13.57 -5.93 -25.98
CA GLY D 87 12.52 -6.91 -25.88
C GLY D 87 11.34 -6.43 -25.06
N ILE D 88 11.60 -5.97 -23.83
CA ILE D 88 10.49 -5.62 -22.94
C ILE D 88 9.95 -4.23 -23.26
N GLN D 89 10.85 -3.24 -23.33
CA GLN D 89 10.55 -2.07 -24.10
C GLN D 89 9.99 -2.60 -25.41
N LYS D 90 8.75 -2.26 -25.72
CA LYS D 90 8.04 -3.10 -26.68
C LYS D 90 8.59 -2.93 -28.09
N PRO D 91 8.66 -1.72 -28.71
CA PRO D 91 9.51 -1.59 -29.88
C PRO D 91 10.89 -1.85 -29.29
N HIS D 92 11.24 -3.14 -29.20
CA HIS D 92 12.46 -3.54 -28.52
C HIS D 92 13.49 -2.56 -29.00
N ALA D 93 13.78 -1.59 -28.15
CA ALA D 93 14.58 -0.44 -28.51
C ALA D 93 15.97 -0.90 -28.93
N MET D 94 16.75 -1.33 -27.96
CA MET D 94 18.03 -1.96 -28.24
C MET D 94 17.81 -3.25 -29.04
N THR D 95 18.42 -3.32 -30.24
CA THR D 95 18.42 -4.55 -31.00
C THR D 95 19.29 -5.56 -30.28
N PRO D 96 19.06 -6.89 -30.48
CA PRO D 96 19.89 -7.89 -29.84
C PRO D 96 21.38 -7.69 -30.09
N HIS D 97 21.73 -7.28 -31.33
CA HIS D 97 23.12 -6.96 -31.64
C HIS D 97 23.61 -5.85 -30.72
N GLN D 98 22.84 -4.74 -30.65
CA GLN D 98 23.18 -3.64 -29.76
C GLN D 98 23.33 -4.13 -28.32
N VAL D 99 22.43 -5.03 -27.90
CA VAL D 99 22.58 -5.63 -26.58
C VAL D 99 23.90 -6.38 -26.50
N GLU D 100 24.21 -7.14 -27.54
CA GLU D 100 25.44 -7.92 -27.58
C GLU D 100 26.65 -6.99 -27.45
N THR D 101 26.69 -5.93 -28.28
CA THR D 101 27.84 -5.02 -28.25
C THR D 101 27.90 -4.29 -26.91
N ALA D 102 26.75 -3.82 -26.43
CA ALA D 102 26.72 -3.14 -25.14
C ALA D 102 27.18 -4.07 -24.02
N GLN D 103 26.71 -5.31 -24.04
CA GLN D 103 27.08 -6.24 -22.98
C GLN D 103 28.58 -6.53 -22.97
N VAL D 104 29.22 -6.46 -24.14
CA VAL D 104 30.67 -6.61 -24.22
C VAL D 104 31.35 -5.46 -23.47
N LEU D 105 30.88 -4.22 -23.74
CA LEU D 105 31.43 -3.04 -23.10
C LEU D 105 31.16 -3.07 -21.59
N ILE D 106 29.91 -3.41 -21.20
CA ILE D 106 29.57 -3.52 -19.80
C ILE D 106 30.41 -4.62 -19.15
N ALA D 107 30.65 -5.71 -19.91
CA ALA D 107 31.47 -6.79 -19.40
C ALA D 107 32.89 -6.31 -19.12
N GLU D 108 33.43 -5.44 -20.00
CA GLU D 108 34.76 -4.93 -19.76
C GLU D 108 34.80 -4.14 -18.45
N VAL D 109 33.82 -3.26 -18.26
CA VAL D 109 33.75 -2.53 -16.99
C VAL D 109 33.38 -3.48 -15.86
N GLY D 110 32.64 -4.55 -16.17
CA GLY D 110 32.38 -5.58 -15.18
C GLY D 110 33.69 -6.23 -14.70
N ARG D 111 34.56 -6.59 -15.64
CA ARG D 111 35.84 -7.19 -15.31
C ARG D 111 36.62 -6.29 -14.36
N ILE D 112 36.71 -5.00 -14.69
CA ILE D 112 37.49 -4.06 -13.91
C ILE D 112 36.88 -3.88 -12.52
N LEU D 113 35.54 -3.85 -12.47
CA LEU D 113 34.86 -3.79 -11.19
C LEU D 113 35.15 -5.04 -10.36
N GLY D 114 35.11 -6.20 -11.00
CA GLY D 114 35.44 -7.44 -10.33
C GLY D 114 36.86 -7.45 -9.76
N SER D 115 37.83 -7.05 -10.60
CA SER D 115 39.22 -6.96 -10.16
C SER D 115 39.34 -5.99 -8.99
N TRP D 116 38.61 -4.89 -9.06
CA TRP D 116 38.61 -3.87 -8.02
C TRP D 116 37.97 -4.41 -6.73
N ILE D 117 36.84 -5.10 -6.86
CA ILE D 117 36.25 -5.80 -5.72
C ILE D 117 37.30 -6.70 -5.06
N ALA D 118 37.99 -7.48 -5.91
CA ALA D 118 38.96 -8.45 -5.44
C ALA D 118 40.16 -7.75 -4.78
N ARG D 119 40.65 -6.67 -5.40
CA ARG D 119 41.74 -5.90 -4.81
C ARG D 119 41.36 -5.38 -3.42
N VAL D 120 40.09 -5.02 -3.22
CA VAL D 120 39.68 -4.45 -1.95
C VAL D 120 39.49 -5.55 -0.90
N ASN D 121 38.82 -6.65 -1.26
CA ASN D 121 38.65 -7.75 -0.32
C ASN D 121 39.81 -8.73 -0.39
N ARG D 122 41.05 -8.22 -0.31
CA ARG D 122 42.21 -9.10 -0.32
C ARG D 122 42.33 -9.79 1.04
N ASP E 12 36.79 24.62 3.85
CA ASP E 12 35.48 24.96 4.47
C ASP E 12 34.39 25.02 3.39
N GLN E 13 33.15 24.69 3.76
CA GLN E 13 32.07 24.56 2.79
C GLN E 13 31.83 25.86 2.05
N MET E 14 31.95 27.00 2.75
CA MET E 14 31.64 28.28 2.16
C MET E 14 32.54 28.57 0.95
N LEU E 15 33.84 28.34 1.10
CA LEU E 15 34.78 28.58 0.02
C LEU E 15 34.50 27.69 -1.19
N ILE E 16 34.40 26.38 -0.96
CA ILE E 16 34.16 25.44 -2.06
C ILE E 16 32.88 25.83 -2.80
N VAL E 17 31.84 26.15 -2.05
CA VAL E 17 30.55 26.46 -2.66
C VAL E 17 30.65 27.75 -3.48
N GLU E 18 31.35 28.76 -2.97
CA GLU E 18 31.48 30.01 -3.73
C GLU E 18 32.29 29.79 -5.00
N ARG E 19 33.24 28.86 -4.95
CA ARG E 19 34.02 28.56 -6.16
C ARG E 19 33.23 27.66 -7.09
N TYR E 20 32.41 26.77 -6.52
CA TYR E 20 31.54 25.94 -7.31
C TYR E 20 30.39 26.74 -7.90
N GLU E 21 29.94 27.78 -7.22
CA GLU E 21 28.94 28.66 -7.78
C GLU E 21 29.41 29.21 -9.13
N ARG E 22 30.74 29.34 -9.32
CA ARG E 22 31.29 29.78 -10.59
C ARG E 22 31.13 28.70 -11.66
N VAL E 23 31.29 27.44 -11.26
CA VAL E 23 31.01 26.31 -12.15
C VAL E 23 29.56 26.39 -12.59
N ILE E 24 28.65 26.42 -11.61
CA ILE E 24 27.23 26.52 -11.92
C ILE E 24 26.97 27.74 -12.80
N SER E 25 27.53 28.90 -12.42
CA SER E 25 27.28 30.10 -13.21
C SER E 25 27.84 29.95 -14.60
N TYR E 26 28.88 29.12 -14.75
CA TYR E 26 29.40 28.82 -16.08
C TYR E 26 28.62 27.67 -16.69
N LEU E 27 28.53 26.57 -15.95
CA LEU E 27 27.96 25.34 -16.46
C LEU E 27 26.45 25.37 -16.55
N TYR E 28 25.78 25.99 -15.59
CA TYR E 28 24.33 26.02 -15.65
C TYR E 28 23.86 26.61 -16.97
N PRO E 29 24.34 27.79 -17.43
CA PRO E 29 23.94 28.27 -18.74
C PRO E 29 24.21 27.26 -19.86
N ILE E 30 25.34 26.54 -19.77
CA ILE E 30 25.75 25.58 -20.76
C ILE E 30 24.91 24.32 -20.67
N ALA E 31 24.50 23.99 -19.45
CA ALA E 31 23.72 22.80 -19.16
C ALA E 31 22.26 23.02 -19.46
N GLN E 32 21.85 24.25 -19.62
CA GLN E 32 20.53 24.58 -20.07
C GLN E 32 20.47 24.63 -21.58
N SER E 33 21.64 24.78 -22.21
CA SER E 33 21.78 24.72 -23.66
C SER E 33 21.96 23.28 -24.15
N ILE E 34 22.42 22.35 -23.26
CA ILE E 34 22.42 20.94 -23.58
C ILE E 34 21.04 20.62 -24.15
N PRO E 35 20.97 20.17 -25.42
CA PRO E 35 19.70 20.07 -26.11
C PRO E 35 18.63 19.20 -25.48
N ARG E 36 17.37 19.56 -25.69
CA ARG E 36 16.28 18.70 -25.19
C ARG E 36 16.63 17.28 -25.62
N LYS E 37 16.91 17.04 -26.90
CA LYS E 37 17.29 15.70 -27.39
C LYS E 37 18.18 15.04 -26.36
N HIS E 38 18.98 15.79 -25.64
CA HIS E 38 19.80 15.22 -24.58
C HIS E 38 19.32 15.66 -23.20
N GLY E 39 18.01 15.52 -23.01
CA GLY E 39 17.35 16.20 -21.90
C GLY E 39 17.56 15.50 -20.57
N VAL E 40 17.47 14.19 -20.58
CA VAL E 40 17.82 13.43 -19.39
C VAL E 40 19.28 13.71 -19.04
N ALA E 41 20.18 13.50 -20.00
CA ALA E 41 21.56 13.84 -19.75
C ALA E 41 21.63 15.26 -19.23
N ARG E 42 20.92 16.20 -19.89
CA ARG E 42 20.91 17.56 -19.41
C ARG E 42 20.37 17.66 -17.97
N GLU E 43 19.16 17.16 -17.75
CA GLU E 43 18.57 17.28 -16.43
C GLU E 43 19.49 16.59 -15.40
N MET E 44 20.11 15.50 -15.77
CA MET E 44 21.00 14.77 -14.87
C MET E 44 22.29 15.52 -14.66
N PHE E 45 22.76 16.21 -15.70
CA PHE E 45 23.94 17.06 -15.56
C PHE E 45 23.62 18.23 -14.67
N LEU E 46 22.47 18.88 -14.90
CA LEU E 46 22.05 19.99 -14.05
C LEU E 46 21.90 19.51 -12.61
N LYS E 47 21.34 18.35 -12.39
CA LYS E 47 21.19 17.86 -11.04
C LYS E 47 22.54 17.49 -10.45
N CYS E 48 23.53 17.17 -11.28
CA CYS E 48 24.87 16.90 -10.80
C CYS E 48 25.57 18.21 -10.47
N LEU E 49 25.31 19.21 -11.32
CA LEU E 49 25.94 20.52 -11.20
C LEU E 49 25.37 21.29 -10.02
N LEU E 50 24.13 21.81 -10.12
CA LEU E 50 23.49 22.26 -8.92
C LEU E 50 23.14 20.97 -8.18
N GLY E 51 23.66 20.73 -6.99
CA GLY E 51 23.31 19.48 -6.37
C GLY E 51 24.61 18.92 -5.91
N GLN E 52 25.63 19.28 -6.68
CA GLN E 52 26.98 19.21 -6.15
C GLN E 52 27.16 20.28 -5.07
N VAL E 53 26.45 21.41 -5.22
CA VAL E 53 26.43 22.41 -4.15
C VAL E 53 26.01 21.73 -2.87
N GLU E 54 24.94 20.91 -2.92
CA GLU E 54 24.50 20.20 -1.74
C GLU E 54 25.62 19.29 -1.23
N LEU E 55 26.37 18.65 -2.13
CA LEU E 55 27.35 17.69 -1.65
C LEU E 55 28.53 18.40 -1.00
N PHE E 56 28.80 19.66 -1.39
CA PHE E 56 29.83 20.45 -0.77
C PHE E 56 29.37 20.97 0.58
N ILE E 57 28.14 21.50 0.58
CA ILE E 57 27.54 22.02 1.77
C ILE E 57 27.46 20.92 2.84
N VAL E 58 26.90 19.76 2.48
CA VAL E 58 26.77 18.67 3.43
C VAL E 58 28.15 18.28 3.97
N ALA E 59 29.16 18.31 3.09
CA ALA E 59 30.52 18.04 3.49
C ALA E 59 31.00 19.06 4.52
N GLY E 60 30.55 20.31 4.37
CA GLY E 60 31.00 21.39 5.28
C GLY E 60 30.12 21.52 6.50
N LYS E 61 28.80 21.37 6.34
CA LYS E 61 27.88 21.51 7.50
C LYS E 61 28.16 20.35 8.47
N SER E 62 29.17 19.54 8.23
CA SER E 62 29.57 18.46 9.18
C SER E 62 31.02 18.03 8.89
N ASN E 63 31.43 16.87 9.41
CA ASN E 63 32.75 16.36 9.19
C ASN E 63 32.74 14.87 9.41
N GLN E 64 33.06 14.16 8.35
CA GLN E 64 33.23 12.72 8.42
C GLN E 64 34.28 12.30 7.41
N VAL E 65 34.69 13.26 6.56
CA VAL E 65 35.61 13.04 5.45
C VAL E 65 35.00 12.12 4.40
N SER E 66 34.06 11.26 4.79
CA SER E 66 33.28 10.46 3.86
C SER E 66 32.31 11.33 3.07
N LYS E 67 31.94 12.48 3.62
CA LYS E 67 31.06 13.39 2.91
C LYS E 67 31.83 14.35 2.05
N LEU E 68 33.13 14.48 2.32
CA LEU E 68 34.02 15.24 1.45
C LEU E 68 34.44 14.40 0.25
N TYR E 69 34.58 13.09 0.45
CA TYR E 69 34.77 12.18 -0.66
C TYR E 69 33.54 12.12 -1.56
N ALA E 70 32.35 12.21 -0.96
CA ALA E 70 31.13 12.28 -1.74
C ALA E 70 31.06 13.58 -2.51
N ALA E 71 31.62 14.66 -1.94
CA ALA E 71 31.77 15.90 -2.68
C ALA E 71 32.71 15.69 -3.87
N ASP E 72 33.78 14.92 -3.65
CA ASP E 72 34.74 14.64 -4.72
C ASP E 72 34.10 13.77 -5.80
N ALA E 73 33.40 12.72 -5.35
CA ALA E 73 32.65 11.88 -6.26
C ALA E 73 31.70 12.71 -7.10
N GLY E 74 31.03 13.68 -6.48
CA GLY E 74 30.11 14.50 -7.24
C GLY E 74 30.81 15.36 -8.27
N LEU E 75 31.95 15.93 -7.91
CA LEU E 75 32.75 16.70 -8.85
C LEU E 75 33.21 15.79 -9.99
N ALA E 76 33.59 14.55 -9.64
CA ALA E 76 34.01 13.58 -10.63
C ALA E 76 32.86 13.22 -11.55
N MET E 77 31.67 13.01 -10.98
CA MET E 77 30.48 12.90 -11.78
C MET E 77 30.27 14.17 -12.59
N LEU E 78 30.59 15.33 -12.01
CA LEU E 78 30.47 16.59 -12.74
C LEU E 78 31.52 16.68 -13.83
N ARG E 79 32.78 16.32 -13.50
CA ARG E 79 33.81 16.25 -14.54
C ARG E 79 33.39 15.24 -15.60
N PHE E 80 32.88 14.08 -15.17
CA PHE E 80 32.35 13.11 -16.10
C PHE E 80 31.29 13.76 -16.99
N TRP E 81 30.34 14.43 -16.39
CA TRP E 81 29.30 15.05 -17.17
C TRP E 81 29.85 15.99 -18.20
N LEU E 82 30.89 16.76 -17.84
CA LEU E 82 31.53 17.61 -18.83
C LEU E 82 32.05 16.76 -19.97
N ARG E 83 32.90 15.76 -19.63
CA ARG E 83 33.45 14.91 -20.67
C ARG E 83 32.34 14.19 -21.43
N PHE E 84 31.31 13.75 -20.73
CA PHE E 84 30.21 13.05 -21.37
C PHE E 84 29.46 13.98 -22.34
N LEU E 85 29.01 15.12 -21.83
CA LEU E 85 28.17 16.00 -22.65
C LEU E 85 28.96 16.58 -23.82
N ALA E 86 30.29 16.66 -23.68
CA ALA E 86 31.14 17.07 -24.77
C ALA E 86 31.34 15.89 -25.70
N GLY E 87 30.63 15.89 -26.80
CA GLY E 87 30.69 14.70 -27.64
C GLY E 87 29.72 13.71 -27.03
N ILE E 88 28.49 14.18 -26.99
CA ILE E 88 27.38 13.36 -26.59
C ILE E 88 26.67 12.86 -27.85
N GLN E 89 26.55 13.69 -28.89
CA GLN E 89 26.04 13.18 -30.15
C GLN E 89 26.13 14.17 -31.30
N LYS E 90 25.06 14.20 -32.09
CA LYS E 90 24.90 15.22 -33.10
C LYS E 90 24.28 16.45 -32.47
N PRO E 91 23.16 16.38 -31.73
CA PRO E 91 22.77 17.54 -30.94
C PRO E 91 23.92 17.82 -29.98
N HIS E 92 24.85 18.69 -30.40
CA HIS E 92 25.99 19.01 -29.57
C HIS E 92 25.51 19.68 -28.30
N ALA E 93 25.92 19.15 -27.15
CA ALA E 93 25.49 19.71 -25.90
C ALA E 93 26.52 20.72 -25.39
N MET E 94 27.69 20.25 -25.05
CA MET E 94 28.74 21.07 -24.50
C MET E 94 29.93 21.11 -25.48
N THR E 95 30.39 22.31 -25.85
CA THR E 95 31.57 22.41 -26.66
C THR E 95 32.79 21.96 -25.87
N PRO E 96 33.81 21.38 -26.55
CA PRO E 96 34.99 20.91 -25.84
C PRO E 96 35.65 22.02 -25.03
N HIS E 97 35.64 23.25 -25.56
CA HIS E 97 36.12 24.39 -24.82
C HIS E 97 35.39 24.53 -23.49
N GLN E 98 34.05 24.48 -23.53
CA GLN E 98 33.25 24.59 -22.32
C GLN E 98 33.65 23.55 -21.28
N VAL E 99 33.87 22.31 -21.73
CA VAL E 99 34.42 21.30 -20.85
C VAL E 99 35.75 21.77 -20.31
N GLU E 100 36.60 22.37 -21.16
CA GLU E 100 37.85 22.95 -20.70
C GLU E 100 37.60 24.10 -19.72
N THR E 101 36.81 25.11 -20.14
CA THR E 101 36.51 26.25 -19.27
C THR E 101 35.86 25.80 -17.97
N ALA E 102 34.85 24.95 -18.12
CA ALA E 102 34.20 24.37 -16.96
C ALA E 102 35.20 23.53 -16.17
N GLN E 103 35.99 22.72 -16.84
CA GLN E 103 36.97 21.87 -16.16
C GLN E 103 37.94 22.71 -15.33
N VAL E 104 38.25 23.94 -15.80
CA VAL E 104 39.11 24.82 -15.04
C VAL E 104 38.43 25.21 -13.72
N LEU E 105 37.15 25.59 -13.81
CA LEU E 105 36.39 25.98 -12.63
C LEU E 105 36.19 24.79 -11.71
N ILE E 106 35.83 23.63 -12.26
CA ILE E 106 35.68 22.44 -11.46
C ILE E 106 37.02 22.06 -10.82
N ALA E 107 38.12 22.28 -11.56
CA ALA E 107 39.44 22.01 -11.02
C ALA E 107 39.72 22.90 -9.82
N GLU E 108 39.30 24.16 -9.88
CA GLU E 108 39.49 25.07 -8.75
C GLU E 108 38.75 24.53 -7.53
N VAL E 109 37.50 24.13 -7.71
CA VAL E 109 36.76 23.54 -6.59
C VAL E 109 37.34 22.17 -6.26
N GLY E 110 37.91 21.48 -7.25
CA GLY E 110 38.61 20.25 -6.96
C GLY E 110 39.80 20.48 -6.02
N ARG E 111 40.61 21.50 -6.32
CA ARG E 111 41.74 21.83 -5.47
C ARG E 111 41.31 22.09 -4.03
N ILE E 112 40.26 22.90 -3.86
CA ILE E 112 39.78 23.26 -2.54
C ILE E 112 39.26 22.04 -1.81
N LEU E 113 38.54 21.17 -2.52
CA LEU E 113 38.05 19.94 -1.95
C LEU E 113 39.23 19.06 -1.51
N GLY E 114 40.25 18.96 -2.36
CA GLY E 114 41.44 18.19 -2.03
C GLY E 114 42.12 18.71 -0.76
N SER E 115 42.35 20.03 -0.73
CA SER E 115 42.96 20.65 0.45
C SER E 115 42.12 20.38 1.70
N TRP E 116 40.80 20.48 1.53
CA TRP E 116 39.87 20.26 2.63
C TRP E 116 39.88 18.80 3.09
N ILE E 117 39.87 17.87 2.14
CA ILE E 117 40.03 16.46 2.48
C ILE E 117 41.32 16.27 3.27
N ALA E 118 42.41 16.88 2.81
CA ALA E 118 43.70 16.77 3.45
C ALA E 118 43.68 17.39 4.86
N ARG E 119 43.10 18.60 4.99
CA ARG E 119 43.07 19.28 6.27
C ARG E 119 42.29 18.45 7.30
N VAL E 120 41.25 17.73 6.86
CA VAL E 120 40.51 16.84 7.72
C VAL E 120 41.33 15.58 8.02
N ASN E 121 42.06 15.10 7.01
CA ASN E 121 42.91 13.93 7.17
C ASN E 121 44.26 14.26 7.84
N GLN F 13 12.43 20.10 19.25
CA GLN F 13 12.24 21.39 18.54
C GLN F 13 11.47 21.17 17.24
N MET F 14 10.15 21.29 17.32
CA MET F 14 9.31 21.25 16.14
C MET F 14 8.71 22.61 15.81
N LEU F 15 9.14 23.66 16.52
CA LEU F 15 8.99 25.01 16.04
C LEU F 15 9.89 25.22 14.83
N ILE F 16 10.95 24.40 14.70
CA ILE F 16 11.80 24.41 13.50
C ILE F 16 10.96 24.22 12.26
N VAL F 17 10.18 23.13 12.18
CA VAL F 17 9.34 22.93 11.02
C VAL F 17 8.35 24.08 10.87
N GLU F 18 7.78 24.54 11.97
CA GLU F 18 6.76 25.57 11.85
C GLU F 18 7.35 26.94 11.61
N ARG F 19 8.67 27.13 11.79
CA ARG F 19 9.31 28.36 11.37
C ARG F 19 9.88 28.20 9.98
N TYR F 20 10.25 26.98 9.61
CA TYR F 20 10.63 26.69 8.25
C TYR F 20 9.45 26.74 7.31
N GLU F 21 8.27 26.37 7.78
CA GLU F 21 7.11 26.35 6.91
C GLU F 21 6.73 27.74 6.45
N ARG F 22 7.34 28.80 6.99
CA ARG F 22 7.16 30.14 6.43
C ARG F 22 8.26 30.46 5.43
N VAL F 23 9.41 29.80 5.49
CA VAL F 23 10.36 29.80 4.38
C VAL F 23 9.68 29.19 3.18
N ILE F 24 9.16 27.96 3.33
CA ILE F 24 8.41 27.32 2.24
C ILE F 24 7.29 28.23 1.76
N SER F 25 6.53 28.81 2.71
CA SER F 25 5.39 29.62 2.30
C SER F 25 5.83 30.84 1.54
N TYR F 26 7.09 31.28 1.75
CA TYR F 26 7.60 32.43 1.02
C TYR F 26 8.23 32.00 -0.29
N LEU F 27 9.03 30.93 -0.20
CA LEU F 27 9.84 30.49 -1.33
C LEU F 27 9.02 29.66 -2.33
N TYR F 28 8.09 28.86 -1.86
CA TYR F 28 7.31 28.07 -2.78
C TYR F 28 6.64 28.97 -3.80
N PRO F 29 5.89 30.03 -3.45
CA PRO F 29 5.25 30.86 -4.46
C PRO F 29 6.17 31.31 -5.59
N ILE F 30 7.42 31.61 -5.24
CA ILE F 30 8.36 32.10 -6.23
C ILE F 30 9.20 30.98 -6.82
N ALA F 31 9.30 29.85 -6.15
CA ALA F 31 9.87 28.65 -6.76
C ALA F 31 8.91 28.08 -7.81
N GLN F 32 7.65 28.02 -7.52
CA GLN F 32 6.67 27.90 -8.54
C GLN F 32 7.10 28.84 -9.67
N SER F 33 7.28 30.11 -9.37
CA SER F 33 7.52 31.10 -10.41
C SER F 33 8.74 30.75 -11.26
N ILE F 34 9.78 30.14 -10.65
CA ILE F 34 11.00 29.83 -11.42
C ILE F 34 10.58 29.13 -12.70
N PRO F 35 10.82 29.73 -13.89
CA PRO F 35 10.14 29.24 -15.09
C PRO F 35 10.56 27.81 -15.44
N ARG F 36 9.82 27.19 -16.36
CA ARG F 36 10.19 25.90 -16.92
C ARG F 36 11.68 25.92 -17.30
N LYS F 37 12.09 27.00 -17.97
CA LYS F 37 13.47 27.21 -18.37
C LYS F 37 14.41 26.78 -17.25
N HIS F 38 14.20 27.32 -16.06
CA HIS F 38 15.02 26.95 -14.93
C HIS F 38 14.37 25.86 -14.08
N GLY F 39 13.96 24.82 -14.77
CA GLY F 39 13.04 23.86 -14.17
C GLY F 39 13.75 22.85 -13.29
N VAL F 40 14.93 22.38 -13.71
CA VAL F 40 15.71 21.53 -12.84
C VAL F 40 16.12 22.34 -11.62
N ALA F 41 16.72 23.50 -11.85
CA ALA F 41 17.01 24.39 -10.74
C ALA F 41 15.75 24.51 -9.89
N ARG F 42 14.58 24.82 -10.47
CA ARG F 42 13.38 24.85 -9.58
C ARG F 42 13.16 23.48 -8.99
N GLU F 43 12.97 22.45 -9.81
CA GLU F 43 12.64 21.18 -9.18
C GLU F 43 13.61 20.91 -8.02
N MET F 44 14.89 21.22 -8.20
CA MET F 44 15.91 20.95 -7.22
C MET F 44 15.81 21.91 -6.08
N PHE F 45 15.41 23.17 -6.37
CA PHE F 45 15.16 24.13 -5.31
C PHE F 45 13.98 23.72 -4.50
N LEU F 46 12.90 23.33 -5.16
CA LEU F 46 11.69 22.88 -4.45
C LEU F 46 11.98 21.61 -3.67
N LYS F 47 12.79 20.72 -4.19
CA LYS F 47 13.17 19.52 -3.45
C LYS F 47 14.06 19.88 -2.28
N CYS F 48 14.80 20.97 -2.38
CA CYS F 48 15.62 21.43 -1.26
C CYS F 48 14.76 22.12 -0.23
N LEU F 49 13.80 22.90 -0.71
CA LEU F 49 12.95 23.71 0.15
C LEU F 49 11.98 22.84 0.88
N LEU F 50 11.05 22.23 0.14
CA LEU F 50 10.05 21.35 0.71
C LEU F 50 10.67 20.08 1.28
N GLY F 51 11.94 19.77 1.04
CA GLY F 51 12.50 18.52 1.45
C GLY F 51 13.37 18.66 2.66
N GLN F 52 13.64 19.92 2.99
CA GLN F 52 14.26 20.25 4.27
C GLN F 52 13.27 19.98 5.39
N VAL F 53 11.96 20.22 5.13
CA VAL F 53 10.96 19.78 6.10
C VAL F 53 11.25 18.34 6.47
N GLU F 54 11.47 17.48 5.47
CA GLU F 54 11.85 16.10 5.74
C GLU F 54 13.17 16.08 6.50
N LEU F 55 14.12 16.95 6.15
CA LEU F 55 15.39 17.00 6.87
C LEU F 55 15.18 17.40 8.34
N PHE F 56 14.31 18.39 8.56
CA PHE F 56 13.98 18.79 9.92
C PHE F 56 13.20 17.69 10.64
N ILE F 57 12.19 17.16 9.96
CA ILE F 57 11.35 16.12 10.52
C ILE F 57 12.18 14.91 10.97
N VAL F 58 13.10 14.46 10.09
CA VAL F 58 13.96 13.35 10.41
C VAL F 58 14.85 13.69 11.60
N ALA F 59 15.30 14.96 11.66
CA ALA F 59 16.14 15.42 12.76
C ALA F 59 15.38 15.36 14.09
N GLY F 60 14.10 15.70 14.05
CA GLY F 60 13.30 15.74 15.26
C GLY F 60 12.73 14.40 15.69
N LYS F 61 12.79 13.39 14.81
CA LYS F 61 12.41 12.05 15.20
C LYS F 61 13.64 11.26 15.67
N SER F 62 14.81 11.89 15.69
CA SER F 62 16.05 11.16 15.92
C SER F 62 16.91 11.88 16.97
N ASN F 63 16.92 13.21 16.93
CA ASN F 63 17.77 13.99 17.81
C ASN F 63 19.17 13.39 17.87
N GLN F 64 19.67 12.99 16.69
CA GLN F 64 21.04 12.59 16.51
C GLN F 64 21.72 13.72 15.74
N VAL F 65 22.89 14.15 16.20
CA VAL F 65 23.46 15.39 15.71
C VAL F 65 23.71 15.32 14.21
N SER F 66 23.91 14.10 13.69
CA SER F 66 24.19 13.95 12.27
C SER F 66 23.00 14.47 11.45
N LYS F 67 21.78 14.10 11.87
CA LYS F 67 20.58 14.50 11.16
C LYS F 67 20.29 16.00 11.34
N LEU F 68 20.77 16.57 12.45
CA LEU F 68 20.64 17.99 12.69
C LEU F 68 21.58 18.79 11.79
N TYR F 69 22.76 18.23 11.49
CA TYR F 69 23.67 18.89 10.56
C TYR F 69 23.16 18.77 9.14
N ALA F 70 22.48 17.66 8.83
CA ALA F 70 21.86 17.49 7.52
C ALA F 70 20.74 18.49 7.32
N ALA F 71 20.04 18.82 8.40
CA ALA F 71 19.05 19.88 8.37
C ALA F 71 19.73 21.21 8.10
N ASP F 72 20.92 21.43 8.69
CA ASP F 72 21.67 22.66 8.49
C ASP F 72 22.16 22.76 7.04
N ALA F 73 22.70 21.65 6.55
CA ALA F 73 23.13 21.58 5.16
C ALA F 73 21.96 21.93 4.25
N GLY F 74 20.78 21.43 4.54
CA GLY F 74 19.67 21.70 3.67
C GLY F 74 19.26 23.17 3.75
N LEU F 75 19.27 23.74 4.96
CA LEU F 75 19.16 25.20 5.07
C LEU F 75 20.35 25.85 4.36
N ALA F 76 21.55 25.27 4.50
CA ALA F 76 22.73 25.72 3.78
C ALA F 76 22.56 25.56 2.30
N MET F 77 22.09 24.41 1.87
CA MET F 77 21.74 24.20 0.48
C MET F 77 20.60 25.14 0.08
N LEU F 78 19.65 25.35 0.96
CA LEU F 78 18.57 26.29 0.69
C LEU F 78 19.13 27.70 0.54
N ARG F 79 20.10 28.06 1.39
CA ARG F 79 20.79 29.33 1.24
C ARG F 79 21.48 29.38 -0.11
N PHE F 80 22.14 28.29 -0.52
CA PHE F 80 22.71 28.25 -1.85
C PHE F 80 21.64 28.53 -2.91
N TRP F 81 20.52 27.86 -2.79
CA TRP F 81 19.48 28.04 -3.78
C TRP F 81 19.04 29.48 -3.89
N LEU F 82 18.96 30.19 -2.74
CA LEU F 82 18.60 31.58 -2.81
C LEU F 82 19.63 32.33 -3.66
N ARG F 83 20.92 32.18 -3.30
CA ARG F 83 21.95 32.89 -4.03
C ARG F 83 21.96 32.46 -5.50
N PHE F 84 21.79 31.18 -5.77
CA PHE F 84 21.74 30.70 -7.15
C PHE F 84 20.54 31.29 -7.87
N LEU F 85 19.37 31.06 -7.34
CA LEU F 85 18.15 31.59 -7.90
C LEU F 85 18.23 33.11 -8.05
N ALA F 86 19.11 33.76 -7.30
CA ALA F 86 19.38 35.18 -7.52
C ALA F 86 19.88 35.41 -8.93
N GLY F 87 21.07 34.88 -9.25
CA GLY F 87 21.64 35.08 -10.57
C GLY F 87 21.20 34.00 -11.55
N ILE F 88 19.89 33.75 -11.58
CA ILE F 88 19.31 32.88 -12.58
C ILE F 88 18.92 33.66 -13.83
N GLN F 89 19.19 34.98 -13.82
CA GLN F 89 19.01 35.83 -14.98
C GLN F 89 17.54 36.11 -15.24
N LYS F 90 17.34 36.92 -16.29
CA LYS F 90 16.03 37.12 -16.88
C LYS F 90 15.09 37.74 -15.86
N PRO F 91 13.81 37.99 -16.19
CA PRO F 91 12.84 38.36 -15.18
C PRO F 91 12.83 37.52 -13.89
N HIS F 92 13.40 36.31 -13.89
CA HIS F 92 13.03 35.30 -12.92
C HIS F 92 14.08 35.11 -11.83
N ALA F 93 15.01 36.06 -11.68
CA ALA F 93 15.80 36.06 -10.48
C ALA F 93 14.83 35.98 -9.30
N MET F 94 15.06 35.06 -8.37
CA MET F 94 14.42 35.34 -7.09
C MET F 94 14.93 36.72 -6.70
N THR F 95 14.06 37.74 -6.80
CA THR F 95 14.51 39.12 -6.77
C THR F 95 15.37 39.34 -5.52
N PRO F 96 16.33 40.28 -5.53
CA PRO F 96 17.26 40.37 -4.41
C PRO F 96 16.58 40.48 -3.06
N HIS F 97 15.44 41.18 -3.10
CA HIS F 97 14.59 41.27 -1.90
C HIS F 97 14.30 39.87 -1.46
N GLN F 98 13.66 39.07 -2.30
CA GLN F 98 13.19 37.75 -1.93
C GLN F 98 14.33 36.88 -1.44
N VAL F 99 15.48 36.89 -2.12
CA VAL F 99 16.66 36.27 -1.54
C VAL F 99 16.92 36.84 -0.15
N GLU F 100 16.94 38.16 -0.06
CA GLU F 100 17.08 38.83 1.23
C GLU F 100 15.88 38.52 2.13
N THR F 101 14.66 38.71 1.63
CA THR F 101 13.47 38.47 2.44
C THR F 101 13.11 37.01 2.56
N ALA F 102 13.88 36.12 1.94
CA ALA F 102 13.82 34.70 2.28
C ALA F 102 15.03 34.30 3.07
N GLN F 103 16.18 34.89 2.78
CA GLN F 103 17.35 34.67 3.63
C GLN F 103 17.02 35.04 5.08
N VAL F 104 16.13 36.01 5.29
CA VAL F 104 15.68 36.34 6.64
C VAL F 104 14.93 35.16 7.24
N LEU F 105 13.97 34.62 6.47
CA LEU F 105 13.17 33.48 6.93
C LEU F 105 14.09 32.27 7.15
N ILE F 106 14.95 31.98 6.17
CA ILE F 106 15.85 30.85 6.31
C ILE F 106 16.81 31.09 7.46
N ALA F 107 17.21 32.35 7.67
CA ALA F 107 18.06 32.70 8.80
C ALA F 107 17.34 32.42 10.11
N GLU F 108 16.03 32.72 10.18
CA GLU F 108 15.27 32.44 11.38
C GLU F 108 15.29 30.95 11.66
N VAL F 109 15.00 30.14 10.63
CA VAL F 109 15.10 28.69 10.76
C VAL F 109 16.53 28.27 11.03
N GLY F 110 17.49 29.00 10.47
CA GLY F 110 18.90 28.74 10.75
C GLY F 110 19.21 28.94 12.23
N ARG F 111 18.73 30.03 12.82
CA ARG F 111 18.93 30.32 14.23
C ARG F 111 18.41 29.16 15.08
N ILE F 112 17.18 28.72 14.79
CA ILE F 112 16.55 27.66 15.58
C ILE F 112 17.28 26.35 15.41
N LEU F 113 17.72 26.07 14.19
CA LEU F 113 18.52 24.89 13.92
C LEU F 113 19.83 24.95 14.70
N GLY F 114 20.48 26.11 14.69
CA GLY F 114 21.70 26.30 15.45
C GLY F 114 21.50 26.04 16.94
N SER F 115 20.46 26.65 17.51
CA SER F 115 20.13 26.45 18.93
C SER F 115 19.88 24.96 19.20
N TRP F 116 19.17 24.31 18.28
CA TRP F 116 18.86 22.89 18.39
C TRP F 116 20.12 22.04 18.30
N ILE F 117 20.99 22.35 17.34
CA ILE F 117 22.29 21.68 17.24
C ILE F 117 23.04 21.83 18.57
N ALA F 118 23.02 23.05 19.12
CA ALA F 118 23.72 23.35 20.37
C ALA F 118 23.10 22.59 21.54
N ARG F 119 21.76 22.62 21.65
CA ARG F 119 21.05 21.92 22.71
C ARG F 119 21.42 20.44 22.74
N VAL F 120 21.57 19.85 21.55
CA VAL F 120 21.95 18.45 21.45
C VAL F 120 23.45 18.29 21.73
N ASN F 121 24.26 19.22 21.24
CA ASN F 121 25.71 19.08 21.36
C ASN F 121 26.15 19.24 22.81
N ARG F 122 25.62 20.26 23.51
CA ARG F 122 25.79 20.34 24.95
C ARG F 122 24.52 19.78 25.60
#